data_8EUM
#
_entry.id   8EUM
#
_cell.length_a   46.235
_cell.length_b   58.269
_cell.length_c   80.734
_cell.angle_alpha   104.09
_cell.angle_beta   98.58
_cell.angle_gamma   90.11
#
_symmetry.space_group_name_H-M   'P 1'
#
loop_
_entity.id
_entity.type
_entity.pdbx_description
1 polymer 'Protogloblin ApPgb'
2 non-polymer 'PROTOPORPHYRIN IX CONTAINING FE'
3 non-polymer IMIDAZOLE
4 non-polymer 'FE (III) ION'
5 water water
#
_entity_poly.entity_id   1
_entity_poly.type   'polypeptide(L)'
_entity_poly.pdbx_seq_one_letter_code
;IPGYDYGRVEKSPITDLEFDLLKKTVMLGEKDVMYLKKAGDVLKDQVDEILDLLVGWRASNEHLIYYFSNPDTGEPIKEY
LERVRARFGAWILDTTSRDYNREWLDYQYEVGLRHHRSKKGVTDGVRTVPHIPLRYLIAQIYPLTATIKPFLAKKGGSPE
DIEGMYNAWFKSVVLQVAIWSHPYTKENDW
;
_entity_poly.pdbx_strand_id   A,B,C,D
#
loop_
_chem_comp.id
_chem_comp.type
_chem_comp.name
_chem_comp.formula
FE non-polymer 'FE (III) ION' 'Fe 3'
HEM non-polymer 'PROTOPORPHYRIN IX CONTAINING FE' 'C34 H32 Fe N4 O4'
IMD non-polymer IMIDAZOLE 'C3 H5 N2 1'
#
# COMPACT_ATOMS: atom_id res chain seq x y z
N ILE A 1 -11.83 -22.46 -15.62
CA ILE A 1 -11.47 -21.05 -15.35
C ILE A 1 -10.14 -20.95 -14.61
N PRO A 2 -9.13 -20.50 -15.33
CA PRO A 2 -7.79 -20.42 -14.72
C PRO A 2 -7.84 -19.56 -13.47
N GLY A 3 -7.13 -20.03 -12.43
CA GLY A 3 -7.09 -19.42 -11.13
C GLY A 3 -8.30 -19.70 -10.27
N TYR A 4 -9.44 -20.09 -10.85
CA TYR A 4 -10.65 -20.22 -10.05
C TYR A 4 -10.49 -21.47 -9.19
N ASP A 5 -10.34 -21.24 -7.89
CA ASP A 5 -9.84 -22.26 -6.97
C ASP A 5 -10.83 -22.57 -5.88
N TYR A 6 -12.11 -22.26 -6.10
CA TYR A 6 -13.12 -22.53 -5.09
C TYR A 6 -13.05 -24.00 -4.71
N GLY A 7 -13.04 -24.28 -3.42
CA GLY A 7 -12.91 -25.64 -2.96
C GLY A 7 -11.54 -26.25 -3.07
N ARG A 8 -10.51 -25.48 -3.46
CA ARG A 8 -9.17 -26.06 -3.62
C ARG A 8 -8.10 -25.22 -2.93
N VAL A 9 -8.47 -24.43 -1.93
CA VAL A 9 -7.53 -23.58 -1.25
C VAL A 9 -7.32 -24.04 0.20
N GLU A 10 -6.21 -23.58 0.77
CA GLU A 10 -5.83 -23.93 2.12
C GLU A 10 -6.86 -23.42 3.11
N LYS A 11 -6.68 -23.82 4.37
CA LYS A 11 -7.60 -23.43 5.42
C LYS A 11 -7.31 -22.01 5.86
N SER A 12 -8.33 -21.16 5.83
CA SER A 12 -8.15 -19.79 6.30
C SER A 12 -7.98 -19.79 7.83
N PRO A 13 -7.17 -18.90 8.36
CA PRO A 13 -6.90 -18.91 9.80
C PRO A 13 -7.98 -18.18 10.60
N ILE A 14 -9.22 -18.40 10.21
CA ILE A 14 -10.40 -17.84 10.87
C ILE A 14 -11.21 -19.03 11.35
N THR A 15 -11.57 -19.04 12.63
CA THR A 15 -12.20 -20.25 13.16
C THR A 15 -13.62 -20.37 12.63
N ASP A 16 -14.19 -21.56 12.78
CA ASP A 16 -15.57 -21.75 12.36
C ASP A 16 -16.53 -20.95 13.24
N LEU A 17 -16.20 -20.75 14.51
CA LEU A 17 -17.08 -19.95 15.36
C LEU A 17 -16.95 -18.47 15.01
N GLU A 18 -15.74 -17.99 14.77
CA GLU A 18 -15.59 -16.59 14.33
C GLU A 18 -16.44 -16.37 13.09
N PHE A 19 -16.38 -17.31 12.15
CA PHE A 19 -17.21 -17.20 10.98
C PHE A 19 -18.69 -17.22 11.31
N ASP A 20 -19.11 -18.17 12.14
CA ASP A 20 -20.50 -18.18 12.59
C ASP A 20 -20.88 -16.81 13.14
N LEU A 21 -20.06 -16.29 14.04
CA LEU A 21 -20.36 -15.01 14.66
C LEU A 21 -20.40 -13.91 13.62
N LEU A 22 -19.51 -13.98 12.62
CA LEU A 22 -19.52 -12.95 11.59
C LEU A 22 -20.84 -12.97 10.84
N LYS A 23 -21.32 -14.17 10.49
CA LYS A 23 -22.60 -14.27 9.80
C LYS A 23 -23.73 -13.78 10.69
N LYS A 24 -23.63 -14.02 12.00
CA LYS A 24 -24.68 -13.50 12.84
C LYS A 24 -24.63 -11.97 12.91
N THR A 25 -23.42 -11.38 12.88
CA THR A 25 -23.32 -9.94 12.92
C THR A 25 -23.91 -9.31 11.65
N VAL A 26 -23.60 -9.83 10.45
CA VAL A 26 -24.26 -9.29 9.26
C VAL A 26 -25.70 -9.77 9.15
N MET A 27 -26.17 -10.62 10.07
CA MET A 27 -27.57 -11.04 10.12
C MET A 27 -27.92 -11.97 8.96
N LEU A 28 -26.97 -12.79 8.54
CA LEU A 28 -27.17 -13.72 7.43
C LEU A 28 -27.74 -15.02 7.99
N GLY A 29 -29.06 -15.13 7.99
CA GLY A 29 -29.75 -16.32 8.47
C GLY A 29 -30.26 -17.19 7.33
N GLU A 30 -31.09 -18.18 7.71
CA GLU A 30 -31.66 -19.12 6.76
C GLU A 30 -32.49 -18.40 5.71
N LYS A 31 -33.11 -17.30 6.09
CA LYS A 31 -33.83 -16.54 5.09
C LYS A 31 -32.94 -15.99 4.01
N ASP A 32 -31.88 -15.30 4.38
CA ASP A 32 -30.81 -14.91 3.46
C ASP A 32 -30.35 -16.06 2.56
N VAL A 33 -30.10 -17.25 3.14
CA VAL A 33 -29.51 -18.32 2.34
C VAL A 33 -30.37 -18.65 1.14
N MET A 34 -31.70 -18.58 1.34
CA MET A 34 -32.72 -18.93 0.34
C MET A 34 -32.94 -17.81 -0.66
N TYR A 35 -33.04 -16.57 -0.15
CA TYR A 35 -32.88 -15.32 -0.91
C TYR A 35 -31.62 -15.37 -1.81
N LEU A 36 -30.48 -15.82 -1.25
CA LEU A 36 -29.27 -15.92 -2.07
C LEU A 36 -29.49 -16.92 -3.18
N LYS A 37 -30.00 -18.12 -2.83
CA LYS A 37 -30.22 -19.12 -3.86
C LYS A 37 -31.20 -18.62 -4.92
N LYS A 38 -32.25 -17.93 -4.49
CA LYS A 38 -33.20 -17.40 -5.46
C LYS A 38 -32.51 -16.37 -6.33
N ALA A 39 -31.70 -15.51 -5.71
CA ALA A 39 -30.91 -14.58 -6.51
C ALA A 39 -30.08 -15.33 -7.53
N GLY A 40 -29.53 -16.48 -7.14
CA GLY A 40 -28.75 -17.27 -8.10
C GLY A 40 -29.58 -17.66 -9.29
N ASP A 41 -30.83 -18.06 -9.06
CA ASP A 41 -31.78 -18.27 -10.15
C ASP A 41 -31.90 -17.03 -11.01
N VAL A 42 -31.99 -15.86 -10.39
CA VAL A 42 -32.32 -14.65 -11.14
C VAL A 42 -31.12 -14.08 -11.88
N LEU A 43 -29.91 -14.27 -11.36
CA LEU A 43 -28.72 -13.62 -11.92
C LEU A 43 -28.11 -14.47 -13.00
N LYS A 44 -27.96 -15.77 -12.69
CA LYS A 44 -27.99 -16.88 -13.61
C LYS A 44 -27.63 -16.45 -15.06
N ASP A 45 -28.62 -15.99 -15.85
CA ASP A 45 -28.36 -15.63 -17.26
C ASP A 45 -28.04 -14.15 -17.44
N GLN A 46 -27.81 -13.42 -16.36
CA GLN A 46 -27.49 -12.01 -16.54
C GLN A 46 -26.01 -11.75 -16.30
N VAL A 47 -25.20 -12.80 -16.19
CA VAL A 47 -23.85 -12.62 -15.64
C VAL A 47 -23.00 -11.76 -16.56
N ASP A 48 -23.11 -11.97 -17.87
CA ASP A 48 -22.30 -11.15 -18.77
C ASP A 48 -22.73 -9.70 -18.72
N GLU A 49 -24.04 -9.45 -18.61
CA GLU A 49 -24.48 -8.08 -18.43
C GLU A 49 -23.92 -7.50 -17.14
N ILE A 50 -23.96 -8.28 -16.07
CA ILE A 50 -23.34 -7.82 -14.83
C ILE A 50 -21.85 -7.58 -15.05
N LEU A 51 -21.16 -8.52 -15.68
CA LEU A 51 -19.74 -8.34 -15.89
C LEU A 51 -19.44 -7.07 -16.68
N ASP A 52 -20.24 -6.77 -17.71
CA ASP A 52 -19.92 -5.61 -18.55
C ASP A 52 -20.00 -4.32 -17.77
N LEU A 53 -20.80 -4.31 -16.70
CA LEU A 53 -20.86 -3.16 -15.81
C LEU A 53 -19.62 -3.06 -14.92
N LEU A 54 -18.96 -4.19 -14.61
CA LEU A 54 -17.96 -4.17 -13.54
C LEU A 54 -16.53 -4.44 -13.96
N VAL A 55 -16.29 -5.41 -14.85
CA VAL A 55 -14.92 -5.85 -15.07
C VAL A 55 -14.76 -6.35 -16.50
N GLY A 56 -13.53 -6.30 -17.00
CA GLY A 56 -13.22 -6.74 -18.35
C GLY A 56 -12.43 -5.70 -19.12
N TRP A 57 -11.88 -6.14 -20.26
CA TRP A 57 -11.05 -5.25 -21.10
C TRP A 57 -11.86 -4.12 -21.69
N ARG A 58 -13.11 -4.39 -22.05
CA ARG A 58 -13.98 -3.38 -22.64
C ARG A 58 -15.21 -3.14 -21.76
N ALA A 59 -14.99 -2.97 -20.46
CA ALA A 59 -16.08 -2.74 -19.51
C ALA A 59 -15.80 -1.45 -18.76
N SER A 60 -16.85 -0.89 -18.17
CA SER A 60 -16.70 0.33 -17.39
C SER A 60 -15.89 0.01 -16.13
N ASN A 61 -14.63 0.43 -16.10
CA ASN A 61 -13.73 0.25 -14.97
C ASN A 61 -13.32 1.64 -14.51
N GLU A 62 -14.10 2.20 -13.59
CA GLU A 62 -13.92 3.60 -13.20
C GLU A 62 -12.91 3.71 -12.05
N HIS A 63 -11.82 4.45 -12.29
CA HIS A 63 -10.84 4.78 -11.25
C HIS A 63 -10.03 3.57 -10.80
N LEU A 64 -10.57 2.37 -10.95
CA LEU A 64 -9.87 1.19 -10.46
C LEU A 64 -9.39 0.28 -11.60
N ILE A 65 -9.37 0.77 -12.84
CA ILE A 65 -8.64 0.04 -13.86
C ILE A 65 -7.18 0.00 -13.48
N TYR A 66 -6.71 1.06 -12.81
CA TYR A 66 -5.35 1.14 -12.34
C TYR A 66 -4.90 -0.14 -11.65
N TYR A 67 -5.78 -0.74 -10.85
CA TYR A 67 -5.41 -1.94 -10.12
C TYR A 67 -5.35 -3.16 -11.02
N PHE A 68 -5.82 -3.04 -12.27
CA PHE A 68 -5.58 -4.10 -13.25
C PHE A 68 -4.44 -3.76 -14.17
N SER A 69 -3.69 -2.72 -13.85
CA SER A 69 -2.70 -2.17 -14.75
C SER A 69 -1.29 -2.56 -14.33
N ASN A 70 -0.40 -2.42 -15.25
CA ASN A 70 1.00 -2.36 -14.91
C ASN A 70 1.28 -1.05 -14.18
N PRO A 71 1.83 -1.09 -12.97
CA PRO A 71 1.99 0.16 -12.21
C PRO A 71 2.99 1.12 -12.83
N ASP A 72 4.02 0.60 -13.51
CA ASP A 72 5.07 1.47 -14.02
C ASP A 72 4.63 2.23 -15.27
N THR A 73 3.73 1.64 -16.08
CA THR A 73 3.22 2.31 -17.26
C THR A 73 1.77 2.73 -17.12
N GLY A 74 1.03 2.14 -16.19
CA GLY A 74 -0.35 2.53 -16.10
C GLY A 74 -1.22 1.91 -17.14
N GLU A 75 -0.66 1.01 -17.97
CA GLU A 75 -1.41 0.32 -19.01
C GLU A 75 -2.19 -0.83 -18.41
N PRO A 76 -3.48 -0.91 -18.66
CA PRO A 76 -4.27 -2.06 -18.18
C PRO A 76 -3.83 -3.34 -18.87
N ILE A 77 -3.94 -4.44 -18.14
CA ILE A 77 -3.47 -5.74 -18.60
C ILE A 77 -4.71 -6.51 -19.02
N LYS A 78 -4.94 -6.56 -20.34
CA LYS A 78 -6.10 -7.21 -20.94
C LYS A 78 -6.41 -8.58 -20.34
N GLU A 79 -5.44 -9.47 -20.39
CA GLU A 79 -5.56 -10.83 -19.88
C GLU A 79 -5.82 -10.90 -18.37
N TYR A 80 -5.28 -9.95 -17.64
CA TYR A 80 -5.60 -9.83 -16.24
C TYR A 80 -7.07 -9.49 -16.10
N LEU A 81 -7.51 -8.45 -16.79
CA LEU A 81 -8.92 -8.11 -16.83
C LEU A 81 -9.75 -9.30 -17.31
N GLU A 82 -9.31 -9.96 -18.38
CA GLU A 82 -10.02 -11.12 -18.90
C GLU A 82 -10.14 -12.23 -17.85
N ARG A 83 -9.01 -12.66 -17.32
CA ARG A 83 -9.06 -13.82 -16.43
C ARG A 83 -9.81 -13.47 -15.15
N VAL A 84 -9.61 -12.26 -14.62
CA VAL A 84 -10.31 -11.91 -13.40
C VAL A 84 -11.81 -11.86 -13.65
N ARG A 85 -12.21 -11.29 -14.79
CA ARG A 85 -13.62 -11.17 -15.10
C ARG A 85 -14.31 -12.53 -15.06
N ALA A 86 -13.64 -13.55 -15.59
CA ALA A 86 -14.24 -14.87 -15.59
C ALA A 86 -14.43 -15.38 -14.16
N ARG A 87 -13.38 -15.25 -13.34
CA ARG A 87 -13.51 -15.65 -11.93
C ARG A 87 -14.58 -14.84 -11.21
N PHE A 88 -14.74 -13.57 -11.59
CA PHE A 88 -15.79 -12.71 -11.05
C PHE A 88 -17.17 -13.20 -11.46
N GLY A 89 -17.34 -13.51 -12.75
CA GLY A 89 -18.58 -14.13 -13.18
C GLY A 89 -18.93 -15.35 -12.34
N ALA A 90 -17.95 -16.19 -12.03
CA ALA A 90 -18.22 -17.36 -11.18
C ALA A 90 -18.52 -16.94 -9.76
N TRP A 91 -17.85 -15.90 -9.26
CA TRP A 91 -18.11 -15.43 -7.90
C TRP A 91 -19.53 -14.97 -7.75
N ILE A 92 -20.09 -14.37 -8.80
CA ILE A 92 -21.49 -13.96 -8.74
C ILE A 92 -22.36 -15.16 -8.38
N LEU A 93 -22.10 -16.30 -9.01
CA LEU A 93 -22.89 -17.47 -8.73
C LEU A 93 -22.41 -18.19 -7.48
N ASP A 94 -21.12 -18.08 -7.15
CA ASP A 94 -20.68 -18.62 -5.86
C ASP A 94 -21.36 -17.88 -4.71
N THR A 95 -21.53 -16.57 -4.86
CA THR A 95 -22.13 -15.76 -3.81
C THR A 95 -23.58 -16.14 -3.59
N THR A 96 -24.29 -16.46 -4.67
CA THR A 96 -25.71 -16.72 -4.58
C THR A 96 -26.02 -18.18 -4.33
N SER A 97 -25.11 -19.08 -4.68
CA SER A 97 -25.47 -20.48 -4.71
C SER A 97 -24.63 -21.38 -3.82
N ARG A 98 -23.46 -20.97 -3.36
CA ARG A 98 -22.70 -21.85 -2.49
C ARG A 98 -23.30 -21.78 -1.10
N ASP A 99 -23.28 -22.90 -0.40
CA ASP A 99 -23.50 -22.87 1.03
C ASP A 99 -22.31 -22.18 1.69
N TYR A 100 -22.60 -21.32 2.65
CA TYR A 100 -21.58 -20.47 3.26
C TYR A 100 -20.93 -21.23 4.41
N ASN A 101 -20.16 -22.25 4.03
CA ASN A 101 -19.54 -23.17 4.95
C ASN A 101 -18.03 -22.92 4.99
N ARG A 102 -17.28 -23.83 5.61
CA ARG A 102 -15.84 -23.63 5.71
C ARG A 102 -15.22 -23.50 4.31
N GLU A 103 -15.61 -24.37 3.39
CA GLU A 103 -15.13 -24.28 2.01
C GLU A 103 -15.36 -22.89 1.44
N TRP A 104 -16.57 -22.34 1.61
CA TRP A 104 -16.82 -20.97 1.17
C TRP A 104 -15.88 -20.01 1.88
N LEU A 105 -15.85 -20.06 3.22
CA LEU A 105 -15.01 -19.15 3.97
C LEU A 105 -13.58 -19.16 3.45
N ASP A 106 -13.06 -20.35 3.21
CA ASP A 106 -11.69 -20.50 2.77
C ASP A 106 -11.50 -19.84 1.42
N TYR A 107 -12.50 -19.90 0.53
CA TYR A 107 -12.33 -19.21 -0.75
C TYR A 107 -12.42 -17.70 -0.56
N GLN A 108 -13.37 -17.23 0.27
CA GLN A 108 -13.47 -15.79 0.44
C GLN A 108 -12.15 -15.26 0.98
N TYR A 109 -11.52 -16.02 1.87
CA TYR A 109 -10.23 -15.59 2.39
C TYR A 109 -9.18 -15.50 1.28
N GLU A 110 -9.05 -16.58 0.51
CA GLU A 110 -8.25 -16.56 -0.69
C GLU A 110 -8.52 -15.30 -1.52
N VAL A 111 -9.79 -15.02 -1.78
CA VAL A 111 -10.09 -13.87 -2.63
C VAL A 111 -9.59 -12.60 -1.98
N GLY A 112 -9.69 -12.49 -0.65
CA GLY A 112 -9.15 -11.30 0.00
C GLY A 112 -7.64 -11.23 -0.15
N LEU A 113 -6.96 -12.38 -0.02
CA LEU A 113 -5.51 -12.42 -0.23
C LEU A 113 -5.15 -11.95 -1.64
N ARG A 114 -5.99 -12.24 -2.62
CA ARG A 114 -5.70 -11.91 -4.00
C ARG A 114 -5.89 -10.43 -4.28
N HIS A 115 -6.61 -9.72 -3.41
CA HIS A 115 -6.60 -8.26 -3.47
C HIS A 115 -5.44 -7.69 -2.72
N HIS A 116 -4.92 -8.44 -1.78
CA HIS A 116 -3.88 -8.01 -0.87
C HIS A 116 -2.52 -8.19 -1.51
N ARG A 117 -1.52 -7.44 -1.04
CA ARG A 117 -0.16 -7.65 -1.55
C ARG A 117 0.31 -9.11 -1.38
N SER A 118 -0.37 -9.89 -0.54
CA SER A 118 0.07 -11.27 -0.30
C SER A 118 0.07 -12.08 -1.59
N LYS A 119 -1.01 -11.98 -2.39
CA LYS A 119 -1.11 -12.78 -3.61
C LYS A 119 -1.65 -12.05 -4.84
N LYS A 120 -1.95 -10.77 -4.77
CA LYS A 120 -2.45 -10.06 -5.94
C LYS A 120 -1.48 -10.26 -7.11
N GLY A 121 -2.03 -10.52 -8.29
CA GLY A 121 -1.19 -10.72 -9.48
C GLY A 121 -0.60 -12.10 -9.61
N VAL A 122 -0.54 -12.88 -8.52
CA VAL A 122 0.13 -14.17 -8.57
C VAL A 122 -0.70 -15.16 -9.38
N THR A 123 -2.02 -15.14 -9.18
CA THR A 123 -2.92 -16.09 -9.82
C THR A 123 -2.85 -16.00 -11.33
N ASP A 124 -2.63 -14.81 -11.87
CA ASP A 124 -2.58 -14.63 -13.31
C ASP A 124 -1.17 -14.35 -13.79
N GLY A 125 -0.18 -14.52 -12.93
CA GLY A 125 1.20 -14.34 -13.33
C GLY A 125 1.47 -13.00 -13.97
N VAL A 126 0.76 -11.94 -13.55
CA VAL A 126 0.93 -10.65 -14.18
C VAL A 126 1.82 -9.80 -13.30
N ARG A 127 2.42 -8.78 -13.90
CA ARG A 127 3.19 -7.80 -13.14
C ARG A 127 2.28 -6.60 -12.98
N THR A 128 1.73 -6.43 -11.78
CA THR A 128 0.63 -5.47 -11.66
C THR A 128 0.79 -4.67 -10.37
N VAL A 129 -0.13 -3.75 -10.17
CA VAL A 129 -0.21 -2.98 -8.93
C VAL A 129 -0.24 -4.00 -7.80
N PRO A 130 0.76 -3.97 -6.90
CA PRO A 130 0.96 -5.10 -5.97
C PRO A 130 -0.17 -5.30 -4.98
N HIS A 131 -0.95 -4.26 -4.69
CA HIS A 131 -1.79 -4.27 -3.51
C HIS A 131 -2.98 -3.38 -3.75
N ILE A 132 -4.15 -3.83 -3.33
CA ILE A 132 -5.36 -3.01 -3.32
C ILE A 132 -5.60 -2.49 -1.92
N PRO A 133 -5.46 -1.21 -1.64
CA PRO A 133 -5.62 -0.67 -0.29
C PRO A 133 -6.98 -1.07 0.32
N LEU A 134 -6.96 -1.35 1.61
CA LEU A 134 -8.18 -1.78 2.29
C LEU A 134 -9.30 -0.75 2.15
N ARG A 135 -8.95 0.53 2.28
CA ARG A 135 -9.96 1.56 2.15
C ARG A 135 -10.80 1.35 0.89
N TYR A 136 -10.16 0.90 -0.20
CA TYR A 136 -10.94 0.76 -1.43
C TYR A 136 -11.75 -0.51 -1.42
N LEU A 137 -11.25 -1.56 -0.77
CA LEU A 137 -12.05 -2.78 -0.61
C LEU A 137 -13.33 -2.50 0.13
N ILE A 138 -13.26 -1.66 1.17
CA ILE A 138 -14.47 -1.39 1.94
C ILE A 138 -15.39 -0.45 1.17
N ALA A 139 -14.83 0.63 0.61
CA ALA A 139 -15.67 1.51 -0.20
C ALA A 139 -16.42 0.72 -1.27
N GLN A 140 -15.75 -0.27 -1.88
CA GLN A 140 -16.36 -1.05 -2.95
C GLN A 140 -17.66 -1.73 -2.52
N ILE A 141 -17.79 -2.11 -1.24
CA ILE A 141 -19.04 -2.69 -0.71
C ILE A 141 -20.27 -1.99 -1.30
N TYR A 142 -20.23 -0.66 -1.37
CA TYR A 142 -21.44 0.05 -1.88
C TYR A 142 -21.67 -0.24 -3.36
N PRO A 143 -20.72 0.03 -4.25
CA PRO A 143 -21.05 -0.17 -5.68
C PRO A 143 -21.32 -1.61 -6.02
N LEU A 144 -20.66 -2.56 -5.35
CA LEU A 144 -20.86 -3.96 -5.71
C LEU A 144 -22.13 -4.53 -5.10
N THR A 145 -22.67 -3.86 -4.10
CA THR A 145 -24.00 -4.21 -3.61
C THR A 145 -25.08 -3.58 -4.48
N ALA A 146 -24.99 -2.28 -4.72
CA ALA A 146 -26.06 -1.55 -5.37
C ALA A 146 -26.15 -1.87 -6.86
N THR A 147 -25.01 -2.13 -7.49
CA THR A 147 -25.02 -2.51 -8.89
C THR A 147 -25.96 -3.68 -9.15
N ILE A 148 -25.97 -4.66 -8.24
CA ILE A 148 -26.68 -5.90 -8.49
C ILE A 148 -28.21 -5.71 -8.52
N LYS A 149 -28.74 -4.70 -7.82
CA LYS A 149 -30.18 -4.70 -7.58
C LYS A 149 -31.03 -4.66 -8.84
N PRO A 150 -30.69 -3.89 -9.89
CA PRO A 150 -31.54 -3.87 -11.09
C PRO A 150 -31.68 -5.22 -11.78
N PHE A 151 -30.55 -5.93 -11.91
CA PHE A 151 -30.42 -7.38 -12.18
C PHE A 151 -31.42 -8.24 -11.39
N LEU A 152 -31.49 -8.05 -10.08
CA LEU A 152 -32.42 -8.81 -9.27
C LEU A 152 -33.86 -8.49 -9.63
N ALA A 153 -34.10 -7.28 -10.11
CA ALA A 153 -35.45 -6.81 -10.39
C ALA A 153 -35.87 -7.03 -11.84
N LYS A 154 -34.93 -7.30 -12.74
CA LYS A 154 -35.25 -7.38 -14.16
C LYS A 154 -36.33 -8.44 -14.42
N LYS A 155 -36.39 -9.50 -13.63
CA LYS A 155 -37.49 -10.43 -13.84
C LYS A 155 -38.35 -10.56 -12.59
N PRO A 159 -41.04 -7.32 -4.65
CA PRO A 159 -40.17 -6.28 -4.07
C PRO A 159 -39.52 -6.81 -2.78
N GLU A 160 -40.40 -7.41 -1.98
CA GLU A 160 -40.03 -8.19 -0.81
C GLU A 160 -39.01 -9.25 -1.21
N ASP A 161 -39.41 -10.10 -2.13
CA ASP A 161 -38.51 -10.88 -2.98
C ASP A 161 -37.24 -10.10 -3.34
N ILE A 162 -37.40 -9.03 -4.11
CA ILE A 162 -36.21 -8.31 -4.53
C ILE A 162 -35.47 -7.78 -3.32
N GLU A 163 -36.16 -7.26 -2.31
CA GLU A 163 -35.42 -6.75 -1.15
C GLU A 163 -34.72 -7.89 -0.43
N GLY A 164 -35.39 -9.04 -0.29
CA GLY A 164 -34.77 -10.17 0.37
C GLY A 164 -33.54 -10.66 -0.36
N MET A 165 -33.66 -10.84 -1.67
CA MET A 165 -32.45 -11.14 -2.45
C MET A 165 -31.42 -10.02 -2.28
N TYR A 166 -31.87 -8.78 -2.38
CA TYR A 166 -30.86 -7.74 -2.39
C TYR A 166 -30.21 -7.56 -1.04
N ASN A 167 -30.96 -7.65 0.05
CA ASN A 167 -30.30 -7.58 1.35
C ASN A 167 -29.37 -8.75 1.58
N ALA A 168 -29.74 -9.94 1.09
CA ALA A 168 -28.85 -11.10 1.22
C ALA A 168 -27.53 -10.83 0.49
N TRP A 169 -27.60 -10.34 -0.74
CA TRP A 169 -26.40 -9.98 -1.47
C TRP A 169 -25.56 -8.99 -0.67
N PHE A 170 -26.21 -7.95 -0.17
CA PHE A 170 -25.57 -6.95 0.69
C PHE A 170 -24.84 -7.61 1.87
N LYS A 171 -25.55 -8.45 2.63
CA LYS A 171 -24.91 -9.15 3.73
C LYS A 171 -23.70 -9.92 3.27
N SER A 172 -23.81 -10.62 2.14
CA SER A 172 -22.69 -11.41 1.66
C SER A 172 -21.51 -10.52 1.30
N VAL A 173 -21.76 -9.44 0.57
CA VAL A 173 -20.63 -8.59 0.20
C VAL A 173 -19.95 -8.07 1.44
N VAL A 174 -20.73 -7.65 2.43
CA VAL A 174 -20.14 -7.13 3.67
C VAL A 174 -19.34 -8.23 4.33
N LEU A 175 -19.97 -9.39 4.50
CA LEU A 175 -19.34 -10.51 5.19
C LEU A 175 -18.02 -10.85 4.54
N GLN A 176 -18.02 -10.91 3.20
CA GLN A 176 -16.80 -11.17 2.45
C GLN A 176 -15.73 -10.15 2.77
N VAL A 177 -16.08 -8.88 2.64
CA VAL A 177 -15.06 -7.85 2.88
C VAL A 177 -14.59 -7.92 4.33
N ALA A 178 -15.52 -8.22 5.26
CA ALA A 178 -15.09 -8.40 6.64
C ALA A 178 -14.04 -9.50 6.74
N ILE A 179 -14.25 -10.61 6.03
CA ILE A 179 -13.26 -11.67 6.03
C ILE A 179 -11.96 -11.19 5.40
N TRP A 180 -12.06 -10.55 4.24
CA TRP A 180 -10.88 -10.09 3.53
C TRP A 180 -10.01 -9.22 4.39
N SER A 181 -10.62 -8.34 5.21
CA SER A 181 -9.85 -7.40 6.01
C SER A 181 -8.77 -8.09 6.87
N HIS A 182 -8.92 -9.40 7.16
CA HIS A 182 -8.01 -10.03 8.11
C HIS A 182 -6.54 -9.91 7.72
N PRO A 183 -6.13 -10.24 6.48
CA PRO A 183 -4.73 -10.01 6.09
C PRO A 183 -4.36 -8.54 6.05
N TYR A 184 -5.34 -7.64 5.89
CA TYR A 184 -4.97 -6.22 5.92
C TYR A 184 -4.77 -5.67 7.32
N THR A 185 -5.41 -6.28 8.31
CA THR A 185 -5.45 -5.70 9.68
C THR A 185 -4.16 -5.95 10.47
N LYS A 186 -3.83 -5.07 11.46
CA LYS A 186 -2.70 -5.27 12.42
C LYS A 186 -3.00 -6.56 13.20
N GLU A 187 -1.96 -7.26 13.69
CA GLU A 187 -2.09 -8.64 14.14
C GLU A 187 -3.33 -8.88 15.00
N ASN A 188 -3.61 -8.02 15.97
CA ASN A 188 -4.67 -8.30 16.93
C ASN A 188 -5.92 -7.44 16.76
N ASP A 189 -6.05 -6.71 15.66
CA ASP A 189 -7.12 -5.72 15.54
C ASP A 189 -8.31 -6.24 14.76
N TRP A 190 -8.22 -7.42 14.17
CA TRP A 190 -9.30 -7.89 13.31
C TRP A 190 -10.49 -8.46 14.08
N ILE B 1 -23.47 17.42 24.99
CA ILE B 1 -23.26 15.97 24.94
C ILE B 1 -21.81 15.62 25.25
N PRO B 2 -21.58 15.07 26.43
CA PRO B 2 -20.21 14.75 26.84
C PRO B 2 -19.57 13.83 25.81
N GLY B 3 -18.30 14.12 25.52
CA GLY B 3 -17.52 13.43 24.52
C GLY B 3 -17.79 13.83 23.10
N TYR B 4 -18.96 14.43 22.81
CA TYR B 4 -19.32 14.71 21.43
C TYR B 4 -18.44 15.85 20.96
N ASP B 5 -17.51 15.53 20.05
CA ASP B 5 -16.39 16.41 19.75
C ASP B 5 -16.36 16.81 18.29
N TYR B 6 -17.50 16.70 17.61
CA TYR B 6 -17.55 17.07 16.21
C TYR B 6 -17.03 18.49 16.05
N GLY B 7 -16.13 18.68 15.09
CA GLY B 7 -15.53 19.97 14.91
C GLY B 7 -14.48 20.37 15.93
N ARG B 8 -14.11 19.48 16.84
CA ARG B 8 -13.15 19.84 17.88
C ARG B 8 -12.01 18.83 18.01
N VAL B 9 -11.75 18.05 16.96
CA VAL B 9 -10.73 17.01 17.01
C VAL B 9 -9.56 17.36 16.10
N GLU B 10 -8.44 16.70 16.35
CA GLU B 10 -7.23 16.90 15.61
C GLU B 10 -7.42 16.49 14.15
N LYS B 11 -6.41 16.79 13.35
CA LYS B 11 -6.45 16.49 11.92
C LYS B 11 -6.18 15.02 11.70
N SER B 12 -7.09 14.34 11.01
CA SER B 12 -6.85 12.93 10.69
C SER B 12 -5.73 12.81 9.65
N PRO B 13 -4.93 11.76 9.73
CA PRO B 13 -3.77 11.66 8.82
C PRO B 13 -4.17 11.07 7.46
N ILE B 14 -5.32 11.48 6.96
CA ILE B 14 -5.84 11.08 5.66
C ILE B 14 -5.95 12.35 4.84
N THR B 15 -5.38 12.34 3.64
CA THR B 15 -5.31 13.60 2.90
C THR B 15 -6.70 13.96 2.37
N ASP B 16 -6.82 15.22 1.95
CA ASP B 16 -8.09 15.64 1.37
C ASP B 16 -8.37 14.95 0.06
N LEU B 17 -7.32 14.63 -0.71
CA LEU B 17 -7.53 13.93 -1.97
C LEU B 17 -7.90 12.47 -1.71
N GLU B 18 -7.23 11.82 -0.76
CA GLU B 18 -7.63 10.45 -0.42
C GLU B 18 -9.10 10.43 -0.04
N PHE B 19 -9.51 11.41 0.76
CA PHE B 19 -10.92 11.49 1.10
C PHE B 19 -11.79 11.72 -0.12
N ASP B 20 -11.42 12.67 -0.97
CA ASP B 20 -12.16 12.86 -2.21
C ASP B 20 -12.29 11.55 -2.95
N LEU B 21 -11.17 10.85 -3.13
CA LEU B 21 -11.19 9.60 -3.86
C LEU B 21 -12.06 8.58 -3.17
N LEU B 22 -12.06 8.58 -1.83
CA LEU B 22 -12.90 7.62 -1.13
C LEU B 22 -14.37 7.89 -1.41
N LYS B 23 -14.75 9.16 -1.38
CA LYS B 23 -16.13 9.51 -1.70
C LYS B 23 -16.47 9.14 -3.14
N LYS B 24 -15.49 9.29 -4.04
CA LYS B 24 -15.74 8.90 -5.42
C LYS B 24 -15.96 7.38 -5.51
N THR B 25 -15.19 6.60 -4.73
CA THR B 25 -15.31 5.15 -4.77
C THR B 25 -16.67 4.70 -4.23
N VAL B 26 -17.14 5.24 -3.10
CA VAL B 26 -18.50 4.89 -2.66
C VAL B 26 -19.57 5.58 -3.49
N MET B 27 -19.18 6.43 -4.44
CA MET B 27 -20.12 7.07 -5.37
C MET B 27 -20.99 8.11 -4.67
N LEU B 28 -20.43 8.79 -3.69
CA LEU B 28 -21.16 9.80 -2.93
C LEU B 28 -21.01 11.14 -3.65
N GLY B 29 -21.99 11.46 -4.50
CA GLY B 29 -21.99 12.69 -5.25
C GLY B 29 -22.98 13.71 -4.67
N GLU B 30 -23.19 14.78 -5.44
CA GLU B 30 -24.09 15.86 -5.04
C GLU B 30 -25.50 15.34 -4.83
N LYS B 31 -25.88 14.33 -5.59
CA LYS B 31 -27.19 13.75 -5.35
C LYS B 31 -27.32 13.14 -3.98
N ASP B 32 -26.40 12.27 -3.61
CA ASP B 32 -26.27 11.77 -2.23
C ASP B 32 -26.34 12.89 -1.19
N VAL B 33 -25.59 13.99 -1.40
CA VAL B 33 -25.50 15.00 -0.35
C VAL B 33 -26.88 15.53 0.01
N MET B 34 -27.74 15.66 -1.00
CA MET B 34 -29.09 16.22 -0.90
C MET B 34 -30.09 15.21 -0.35
N TYR B 35 -30.03 13.97 -0.87
CA TYR B 35 -30.59 12.76 -0.26
C TYR B 35 -30.24 12.67 1.24
N LEU B 36 -28.96 12.90 1.59
CA LEU B 36 -28.58 12.86 2.99
C LEU B 36 -29.31 13.95 3.76
N LYS B 37 -29.28 15.18 3.23
CA LYS B 37 -29.95 16.27 3.93
C LYS B 37 -31.45 15.99 4.06
N LYS B 38 -32.09 15.53 2.98
CA LYS B 38 -33.49 15.13 3.09
C LYS B 38 -33.68 14.06 4.15
N ALA B 39 -32.82 13.04 4.14
CA ALA B 39 -32.91 12.05 5.20
C ALA B 39 -32.83 12.72 6.57
N GLY B 40 -31.99 13.76 6.69
CA GLY B 40 -31.92 14.47 7.96
C GLY B 40 -33.26 15.06 8.36
N ASP B 41 -33.97 15.62 7.38
CA ASP B 41 -35.35 16.05 7.59
C ASP B 41 -36.20 14.89 8.10
N VAL B 42 -36.04 13.71 7.50
CA VAL B 42 -36.96 12.62 7.78
C VAL B 42 -36.64 11.91 9.10
N LEU B 43 -35.37 11.88 9.51
CA LEU B 43 -34.96 11.08 10.67
C LEU B 43 -35.08 11.90 11.94
N LYS B 44 -34.57 13.14 11.87
CA LYS B 44 -35.02 14.30 12.61
C LYS B 44 -35.77 13.90 13.92
N ASP B 45 -37.09 13.64 13.84
CA ASP B 45 -37.87 13.34 15.05
C ASP B 45 -37.97 11.83 15.32
N GLN B 46 -37.21 11.02 14.61
CA GLN B 46 -37.31 9.59 14.87
C GLN B 46 -36.11 9.09 15.64
N VAL B 47 -35.26 10.00 16.14
CA VAL B 47 -33.93 9.57 16.60
C VAL B 47 -34.04 8.65 17.80
N ASP B 48 -34.94 8.95 18.74
CA ASP B 48 -35.05 8.08 19.90
C ASP B 48 -35.56 6.71 19.49
N GLU B 49 -36.50 6.65 18.55
CA GLU B 49 -36.92 5.35 18.04
C GLU B 49 -35.76 4.62 17.39
N ILE B 50 -34.96 5.34 16.61
CA ILE B 50 -33.76 4.72 16.06
C ILE B 50 -32.85 4.26 17.17
N LEU B 51 -32.60 5.12 18.16
CA LEU B 51 -31.71 4.73 19.23
C LEU B 51 -32.20 3.48 19.96
N ASP B 52 -33.52 3.37 20.19
CA ASP B 52 -34.00 2.23 20.97
C ASP B 52 -33.75 0.92 20.25
N LEU B 53 -33.65 0.97 18.92
CA LEU B 53 -33.29 -0.21 18.15
C LEU B 53 -31.80 -0.55 18.28
N LEU B 54 -30.94 0.44 18.54
CA LEU B 54 -29.51 0.21 18.37
C LEU B 54 -28.68 0.28 19.65
N VAL B 55 -28.92 1.25 20.53
CA VAL B 55 -27.98 1.49 21.63
C VAL B 55 -28.72 2.04 22.83
N GLY B 56 -28.14 1.83 24.01
CA GLY B 56 -28.73 2.30 25.26
C GLY B 56 -28.81 1.19 26.30
N TRP B 57 -28.74 1.58 27.56
CA TRP B 57 -28.67 0.56 28.59
C TRP B 57 -29.94 -0.27 28.63
N ARG B 58 -31.05 0.27 28.14
CA ARG B 58 -32.29 -0.46 28.00
C ARG B 58 -32.67 -0.55 26.53
N ALA B 59 -31.74 -0.99 25.69
CA ALA B 59 -31.93 -1.07 24.25
C ALA B 59 -32.02 -2.52 23.80
N SER B 60 -32.33 -2.69 22.52
CA SER B 60 -32.29 -4.00 21.86
C SER B 60 -30.89 -4.26 21.31
N ASN B 61 -29.90 -4.15 22.19
CA ASN B 61 -28.54 -4.47 21.80
C ASN B 61 -28.40 -5.97 21.57
N GLU B 62 -27.51 -6.34 20.67
CA GLU B 62 -27.28 -7.74 20.36
C GLU B 62 -26.16 -8.26 21.26
N HIS B 63 -25.44 -9.28 20.79
CA HIS B 63 -24.27 -9.71 21.53
C HIS B 63 -23.21 -8.63 21.61
N LEU B 64 -23.34 -7.54 20.89
CA LEU B 64 -22.33 -6.51 21.04
C LEU B 64 -22.57 -5.62 22.26
N ILE B 65 -23.45 -6.03 23.18
CA ILE B 65 -23.46 -5.36 24.48
C ILE B 65 -22.11 -5.58 25.14
N TYR B 66 -21.50 -6.71 24.88
CA TYR B 66 -20.19 -7.04 25.41
C TYR B 66 -19.21 -5.89 25.27
N TYR B 67 -19.25 -5.21 24.12
CA TYR B 67 -18.31 -4.12 23.87
C TYR B 67 -18.66 -2.88 24.66
N PHE B 68 -19.84 -2.85 25.29
CA PHE B 68 -20.14 -1.78 26.24
C PHE B 68 -19.95 -2.24 27.66
N SER B 69 -19.35 -3.41 27.85
CA SER B 69 -19.28 -4.04 29.15
C SER B 69 -17.91 -3.90 29.78
N ASN B 70 -17.87 -4.11 31.06
CA ASN B 70 -16.62 -4.42 31.71
C ASN B 70 -16.14 -5.79 31.25
N PRO B 71 -14.93 -5.92 30.70
CA PRO B 71 -14.51 -7.22 30.16
C PRO B 71 -14.34 -8.28 31.23
N ASP B 72 -13.93 -7.89 32.44
CA ASP B 72 -13.61 -8.88 33.47
C ASP B 72 -14.87 -9.48 34.09
N THR B 73 -15.98 -8.71 34.14
CA THR B 73 -17.24 -9.23 34.65
C THR B 73 -18.29 -9.42 33.58
N GLY B 74 -18.13 -8.79 32.44
CA GLY B 74 -19.15 -8.97 31.44
C GLY B 74 -20.38 -8.15 31.70
N GLU B 75 -20.37 -7.30 32.73
CA GLU B 75 -21.50 -6.45 33.07
C GLU B 75 -21.51 -5.22 32.17
N PRO B 76 -22.62 -4.93 31.51
CA PRO B 76 -22.71 -3.71 30.71
C PRO B 76 -22.63 -2.48 31.59
N ILE B 77 -22.07 -1.41 31.03
CA ILE B 77 -21.82 -0.17 31.77
C ILE B 77 -22.90 0.81 31.30
N LYS B 78 -23.92 0.96 32.16
CA LYS B 78 -25.07 1.83 31.89
C LYS B 78 -24.69 3.19 31.31
N GLU B 79 -23.87 3.91 32.04
CA GLU B 79 -23.42 5.25 31.64
C GLU B 79 -22.62 5.26 30.34
N TYR B 80 -21.88 4.20 30.09
CA TYR B 80 -21.22 4.04 28.82
C TYR B 80 -22.27 3.94 27.73
N LEU B 81 -23.21 3.01 27.91
CA LEU B 81 -24.33 2.91 27.00
C LEU B 81 -25.07 4.22 26.88
N GLU B 82 -25.35 4.87 28.01
CA GLU B 82 -26.04 6.16 28.00
C GLU B 82 -25.27 7.20 27.21
N ARG B 83 -24.01 7.42 27.56
CA ARG B 83 -23.29 8.52 26.94
C ARG B 83 -23.06 8.22 25.45
N VAL B 84 -22.77 6.96 25.12
CA VAL B 84 -22.54 6.65 23.71
C VAL B 84 -23.82 6.85 22.92
N ARG B 85 -24.95 6.42 23.49
CA ARG B 85 -26.22 6.54 22.79
C ARG B 85 -26.49 7.98 22.39
N ALA B 86 -26.19 8.92 23.29
CA ALA B 86 -26.43 10.32 22.97
C ALA B 86 -25.56 10.76 21.80
N ARG B 87 -24.26 10.41 21.84
CA ARG B 87 -23.38 10.75 20.73
C ARG B 87 -23.82 10.07 19.44
N PHE B 88 -24.39 8.86 19.55
CA PHE B 88 -24.94 8.15 18.40
C PHE B 88 -26.16 8.87 17.84
N GLY B 89 -27.09 9.27 18.72
CA GLY B 89 -28.19 10.11 18.28
C GLY B 89 -27.71 11.31 17.47
N ALA B 90 -26.65 11.97 17.93
CA ALA B 90 -26.12 13.11 17.18
C ALA B 90 -25.48 12.66 15.88
N TRP B 91 -24.81 11.51 15.89
CA TRP B 91 -24.18 11.01 14.67
C TRP B 91 -25.22 10.75 13.60
N ILE B 92 -26.40 10.31 13.99
CA ILE B 92 -27.47 10.13 13.02
C ILE B 92 -27.69 11.42 12.24
N LEU B 93 -27.73 12.53 12.94
CA LEU B 93 -27.96 13.80 12.27
C LEU B 93 -26.67 14.36 11.70
N ASP B 94 -25.52 14.04 12.29
CA ASP B 94 -24.27 14.42 11.63
C ASP B 94 -24.14 13.73 10.28
N THR B 95 -24.55 12.47 10.21
CA THR B 95 -24.45 11.70 8.97
C THR B 95 -25.32 12.29 7.88
N THR B 96 -26.50 12.78 8.25
CA THR B 96 -27.45 13.25 7.27
C THR B 96 -27.30 14.73 6.96
N SER B 97 -26.71 15.49 7.87
CA SER B 97 -26.77 16.93 7.74
C SER B 97 -25.43 17.64 7.66
N ARG B 98 -24.33 17.03 8.06
CA ARG B 98 -23.07 17.72 7.95
C ARG B 98 -22.61 17.66 6.51
N ASP B 99 -21.96 18.73 6.05
CA ASP B 99 -21.20 18.64 4.82
C ASP B 99 -19.99 17.74 5.07
N TYR B 100 -19.72 16.88 4.09
CA TYR B 100 -18.70 15.85 4.26
C TYR B 100 -17.34 16.42 3.86
N ASN B 101 -16.86 17.34 4.70
CA ASN B 101 -15.65 18.10 4.46
C ASN B 101 -14.56 17.62 5.41
N ARG B 102 -13.46 18.36 5.48
CA ARG B 102 -12.35 17.93 6.34
C ARG B 102 -12.82 17.78 7.79
N GLU B 103 -13.59 18.76 8.28
CA GLU B 103 -14.13 18.68 9.62
C GLU B 103 -14.90 17.38 9.83
N TRP B 104 -15.77 17.03 8.89
CA TRP B 104 -16.45 15.73 8.98
C TRP B 104 -15.44 14.60 8.99
N LEU B 105 -14.54 14.57 8.02
CA LEU B 105 -13.56 13.49 7.93
C LEU B 105 -12.84 13.31 9.26
N ASP B 106 -12.43 14.42 9.85
CA ASP B 106 -11.68 14.39 11.09
C ASP B 106 -12.52 13.78 12.20
N TYR B 107 -13.84 14.06 12.22
CA TYR B 107 -14.65 13.42 13.25
C TYR B 107 -14.83 11.94 12.97
N GLN B 108 -15.06 11.57 11.69
CA GLN B 108 -15.24 10.14 11.43
C GLN B 108 -14.00 9.39 11.84
N TYR B 109 -12.83 9.99 11.64
CA TYR B 109 -11.60 9.33 12.05
C TYR B 109 -11.56 9.15 13.56
N GLU B 110 -11.80 10.24 14.29
CA GLU B 110 -12.00 10.17 15.73
C GLU B 110 -12.93 9.03 16.10
N VAL B 111 -14.09 8.95 15.45
CA VAL B 111 -15.04 7.93 15.84
C VAL B 111 -14.44 6.54 15.60
N GLY B 112 -13.67 6.38 14.52
CA GLY B 112 -13.02 5.08 14.32
C GLY B 112 -12.01 4.79 15.41
N LEU B 113 -11.25 5.81 15.83
CA LEU B 113 -10.31 5.64 16.93
C LEU B 113 -11.02 5.21 18.21
N ARG B 114 -12.25 5.68 18.41
CA ARG B 114 -12.99 5.39 19.62
C ARG B 114 -13.54 3.97 19.63
N HIS B 115 -13.61 3.33 18.46
CA HIS B 115 -13.87 1.90 18.42
C HIS B 115 -12.60 1.10 18.60
N HIS B 116 -11.49 1.71 18.27
CA HIS B 116 -10.19 1.07 18.23
C HIS B 116 -9.58 1.08 19.62
N ARG B 117 -8.65 0.15 19.87
CA ARG B 117 -7.94 0.19 21.15
C ARG B 117 -7.25 1.54 21.41
N SER B 118 -7.09 2.38 20.38
CA SER B 118 -6.39 3.65 20.57
C SER B 118 -7.10 4.53 21.59
N LYS B 119 -8.44 4.64 21.49
CA LYS B 119 -9.18 5.51 22.38
C LYS B 119 -10.51 4.95 22.91
N LYS B 120 -10.88 3.73 22.58
CA LYS B 120 -12.12 3.18 23.12
C LYS B 120 -12.14 3.30 24.63
N GLY B 121 -13.29 3.71 25.19
CA GLY B 121 -13.41 3.84 26.64
C GLY B 121 -12.84 5.13 27.20
N VAL B 122 -11.96 5.81 26.46
CA VAL B 122 -11.30 6.99 27.01
C VAL B 122 -12.29 8.14 27.14
N THR B 123 -13.14 8.31 26.12
CA THR B 123 -14.07 9.42 26.07
C THR B 123 -15.02 9.42 27.25
N ASP B 124 -15.40 8.24 27.74
CA ASP B 124 -16.33 8.14 28.84
C ASP B 124 -15.64 7.68 30.11
N GLY B 125 -14.32 7.64 30.12
CA GLY B 125 -13.59 7.27 31.30
C GLY B 125 -14.01 5.95 31.90
N VAL B 126 -14.42 4.99 31.06
CA VAL B 126 -14.92 3.73 31.57
C VAL B 126 -13.80 2.70 31.44
N ARG B 127 -13.91 1.64 32.23
CA ARG B 127 -12.99 0.51 32.11
C ARG B 127 -13.75 -0.55 31.33
N THR B 128 -13.41 -0.71 30.04
CA THR B 128 -14.28 -1.48 29.18
C THR B 128 -13.45 -2.37 28.27
N VAL B 129 -14.15 -3.16 27.45
CA VAL B 129 -13.51 -3.97 26.43
C VAL B 129 -12.64 -3.03 25.61
N PRO B 130 -11.32 -3.27 25.57
CA PRO B 130 -10.39 -2.24 25.07
C PRO B 130 -10.55 -1.93 23.61
N HIS B 131 -11.10 -2.84 22.82
CA HIS B 131 -10.95 -2.77 21.38
C HIS B 131 -12.13 -3.46 20.73
N ILE B 132 -12.66 -2.86 19.67
CA ILE B 132 -13.66 -3.49 18.83
C ILE B 132 -13.01 -4.03 17.58
N PRO B 133 -12.92 -5.34 17.40
CA PRO B 133 -12.25 -5.93 16.22
C PRO B 133 -12.79 -5.37 14.92
N LEU B 134 -11.89 -5.16 13.96
CA LEU B 134 -12.29 -4.59 12.68
C LEU B 134 -13.37 -5.43 12.00
N ARG B 135 -13.22 -6.75 12.06
CA ARG B 135 -14.21 -7.60 11.43
C ARG B 135 -15.63 -7.20 11.86
N TYR B 136 -15.81 -6.79 13.11
CA TYR B 136 -17.15 -6.46 13.55
C TYR B 136 -17.55 -5.07 13.07
N LEU B 137 -16.59 -4.15 12.98
CA LEU B 137 -16.90 -2.84 12.41
C LEU B 137 -17.41 -2.96 10.99
N ILE B 138 -16.80 -3.86 10.21
CA ILE B 138 -17.24 -3.99 8.81
C ILE B 138 -18.57 -4.72 8.75
N ALA B 139 -18.69 -5.84 9.47
CA ALA B 139 -19.97 -6.53 9.48
C ALA B 139 -21.10 -5.58 9.84
N GLN B 140 -20.86 -4.67 10.80
CA GLN B 140 -21.89 -3.75 11.26
C GLN B 140 -22.46 -2.89 10.12
N ILE B 141 -21.67 -2.58 9.09
CA ILE B 141 -22.15 -1.84 7.90
C ILE B 141 -23.56 -2.31 7.52
N TYR B 142 -23.78 -3.63 7.51
CA TYR B 142 -25.13 -4.12 7.06
C TYR B 142 -26.22 -3.70 8.05
N PRO B 143 -26.14 -4.06 9.33
CA PRO B 143 -27.29 -3.73 10.21
C PRO B 143 -27.47 -2.24 10.36
N LEU B 144 -26.41 -1.45 10.34
CA LEU B 144 -26.58 -0.02 10.56
C LEU B 144 -27.03 0.70 9.32
N THR B 145 -26.88 0.07 8.15
CA THR B 145 -27.48 0.59 6.94
C THR B 145 -28.97 0.19 6.86
N ALA B 146 -29.25 -1.10 7.02
CA ALA B 146 -30.58 -1.61 6.77
C ALA B 146 -31.56 -1.20 7.86
N THR B 147 -31.10 -1.08 9.09
CA THR B 147 -31.97 -0.62 10.17
C THR B 147 -32.64 0.70 9.82
N ILE B 148 -31.90 1.61 9.17
CA ILE B 148 -32.40 2.97 8.96
C ILE B 148 -33.58 3.01 7.99
N LYS B 149 -33.68 2.05 7.06
CA LYS B 149 -34.58 2.26 5.93
C LYS B 149 -36.05 2.42 6.33
N PRO B 150 -36.60 1.68 7.29
CA PRO B 150 -38.03 1.85 7.65
C PRO B 150 -38.36 3.25 8.16
N PHE B 151 -37.50 3.79 9.03
CA PHE B 151 -37.35 5.22 9.39
C PHE B 151 -37.45 6.17 8.20
N LEU B 152 -36.67 5.91 7.15
CA LEU B 152 -36.72 6.76 5.98
C LEU B 152 -38.06 6.68 5.30
N ALA B 153 -38.75 5.55 5.43
CA ALA B 153 -40.00 5.31 4.74
C ALA B 153 -41.23 5.68 5.56
N LYS B 154 -41.08 5.86 6.87
CA LYS B 154 -42.23 6.09 7.73
C LYS B 154 -43.03 7.31 7.30
N LYS B 155 -42.34 8.35 6.86
CA LYS B 155 -43.00 9.49 6.23
C LYS B 155 -43.42 9.06 4.82
N PRO B 159 -40.32 6.34 -3.23
CA PRO B 159 -39.45 5.15 -3.16
C PRO B 159 -38.06 5.50 -3.68
N GLU B 160 -38.10 6.18 -4.81
CA GLU B 160 -36.93 6.82 -5.42
C GLU B 160 -36.26 7.73 -4.40
N ASP B 161 -37.04 8.69 -3.90
CA ASP B 161 -36.81 9.36 -2.63
C ASP B 161 -36.21 8.42 -1.58
N ILE B 162 -37.00 7.44 -1.15
CA ILE B 162 -36.51 6.57 -0.10
C ILE B 162 -35.26 5.86 -0.56
N GLU B 163 -35.19 5.39 -1.81
CA GLU B 163 -33.97 4.71 -2.23
C GLU B 163 -32.80 5.67 -2.25
N GLY B 164 -33.02 6.91 -2.73
CA GLY B 164 -31.95 7.90 -2.76
C GLY B 164 -31.44 8.22 -1.38
N MET B 165 -32.36 8.51 -0.44
CA MET B 165 -31.93 8.65 0.94
C MET B 165 -31.23 7.39 1.42
N TYR B 166 -31.82 6.24 1.14
CA TYR B 166 -31.24 5.06 1.74
C TYR B 166 -29.90 4.70 1.14
N ASN B 167 -29.73 4.85 -0.17
CA ASN B 167 -28.41 4.59 -0.73
C ASN B 167 -27.38 5.59 -0.22
N ALA B 168 -27.79 6.85 -0.03
CA ALA B 168 -26.88 7.84 0.53
C ALA B 168 -26.40 7.42 1.91
N TRP B 169 -27.34 7.02 2.76
CA TRP B 169 -26.97 6.53 4.10
C TRP B 169 -25.98 5.37 3.97
N PHE B 170 -26.30 4.42 3.11
CA PHE B 170 -25.42 3.29 2.82
C PHE B 170 -24.01 3.75 2.45
N LYS B 171 -23.91 4.64 1.47
CA LYS B 171 -22.61 5.17 1.08
C LYS B 171 -21.89 5.77 2.27
N SER B 172 -22.61 6.54 3.09
CA SER B 172 -21.97 7.18 4.23
C SER B 172 -21.46 6.14 5.22
N VAL B 173 -22.29 5.15 5.54
CA VAL B 173 -21.83 4.17 6.51
C VAL B 173 -20.59 3.48 6.00
N VAL B 174 -20.60 3.11 4.72
CA VAL B 174 -19.42 2.45 4.14
C VAL B 174 -18.22 3.36 4.21
N LEU B 175 -18.40 4.60 3.74
CA LEU B 175 -17.32 5.56 3.70
C LEU B 175 -16.72 5.73 5.07
N GLN B 176 -17.58 5.87 6.09
CA GLN B 176 -17.11 5.99 7.46
C GLN B 176 -16.28 4.79 7.86
N VAL B 177 -16.81 3.59 7.66
CA VAL B 177 -16.06 2.42 8.09
C VAL B 177 -14.76 2.33 7.30
N ALA B 178 -14.80 2.71 6.01
CA ALA B 178 -13.55 2.75 5.26
C ALA B 178 -12.53 3.65 5.93
N ILE B 179 -12.98 4.82 6.40
CA ILE B 179 -12.08 5.72 7.10
C ILE B 179 -11.60 5.08 8.39
N TRP B 180 -12.54 4.53 9.16
CA TRP B 180 -12.20 3.94 10.45
C TRP B 180 -11.12 2.90 10.32
N SER B 181 -11.17 2.08 9.26
CA SER B 181 -10.22 1.00 9.11
C SER B 181 -8.76 1.45 9.20
N HIS B 182 -8.48 2.75 8.96
CA HIS B 182 -7.07 3.18 8.86
C HIS B 182 -6.26 2.86 10.11
N PRO B 183 -6.71 3.19 11.34
CA PRO B 183 -5.97 2.77 12.53
C PRO B 183 -5.96 1.26 12.72
N TYR B 184 -6.92 0.53 12.15
CA TYR B 184 -6.84 -0.93 12.30
C TYR B 184 -5.87 -1.58 11.32
N THR B 185 -5.62 -0.94 10.19
CA THR B 185 -4.85 -1.59 9.09
C THR B 185 -3.33 -1.57 9.34
N LYS B 186 -2.58 -2.56 8.81
CA LYS B 186 -1.08 -2.59 8.80
C LYS B 186 -0.58 -1.31 8.09
N GLU B 187 0.62 -0.82 8.44
CA GLU B 187 1.04 0.53 8.10
C GLU B 187 0.70 0.92 6.65
N ASN B 188 1.01 0.04 5.69
CA ASN B 188 0.88 0.44 4.29
C ASN B 188 -0.28 -0.21 3.55
N ASP B 189 -1.21 -0.86 4.26
CA ASP B 189 -2.24 -1.66 3.60
C ASP B 189 -3.55 -0.92 3.43
N TRP B 190 -3.69 0.27 4.00
CA TRP B 190 -4.98 0.96 3.97
C TRP B 190 -5.26 1.66 2.65
N ILE C 1 13.18 1.27 7.88
CA ILE C 1 12.73 2.52 8.52
C ILE C 1 11.39 2.97 7.97
N PRO C 2 10.35 2.80 8.78
CA PRO C 2 9.00 3.15 8.32
C PRO C 2 8.97 4.60 7.85
N GLY C 3 8.27 4.82 6.74
CA GLY C 3 8.16 6.10 6.08
C GLY C 3 9.36 6.49 5.26
N TYR C 4 10.54 5.91 5.50
CA TYR C 4 11.74 6.36 4.81
C TYR C 4 11.63 5.90 3.38
N ASP C 5 11.45 6.86 2.47
CA ASP C 5 11.00 6.59 1.12
C ASP C 5 11.99 7.07 0.08
N TYR C 6 13.24 7.27 0.48
CA TYR C 6 14.25 7.74 -0.46
C TYR C 6 14.26 6.81 -1.65
N GLY C 7 14.24 7.39 -2.85
CA GLY C 7 14.20 6.58 -4.05
C GLY C 7 12.87 5.94 -4.36
N ARG C 8 11.80 6.21 -3.60
CA ARG C 8 10.50 5.59 -3.88
C ARG C 8 9.36 6.60 -3.98
N VAL C 9 9.67 7.86 -4.23
CA VAL C 9 8.65 8.91 -4.26
C VAL C 9 8.44 9.39 -5.70
N GLU C 10 7.30 10.04 -5.89
CA GLU C 10 6.90 10.56 -7.18
C GLU C 10 7.88 11.65 -7.63
N LYS C 11 7.70 12.08 -8.87
CA LYS C 11 8.57 13.10 -9.45
C LYS C 11 8.18 14.47 -8.92
N SER C 12 9.15 15.19 -8.36
CA SER C 12 8.86 16.54 -7.90
C SER C 12 8.64 17.47 -9.12
N PRO C 13 7.78 18.44 -8.99
CA PRO C 13 7.47 19.30 -10.16
C PRO C 13 8.48 20.44 -10.32
N ILE C 14 9.74 20.10 -10.11
CA ILE C 14 10.86 21.02 -10.26
C ILE C 14 11.75 20.43 -11.35
N THR C 15 12.08 21.23 -12.36
CA THR C 15 12.78 20.65 -13.51
C THR C 15 14.21 20.32 -13.12
N ASP C 16 14.85 19.51 -13.97
CA ASP C 16 16.25 19.21 -13.72
C ASP C 16 17.14 20.43 -13.89
N LEU C 17 16.77 21.35 -14.79
CA LEU C 17 17.57 22.55 -14.95
C LEU C 17 17.37 23.48 -13.77
N GLU C 18 16.12 23.65 -13.31
CA GLU C 18 15.90 24.46 -12.12
C GLU C 18 16.75 23.94 -10.98
N PHE C 19 16.77 22.62 -10.82
CA PHE C 19 17.62 22.03 -9.80
C PHE C 19 19.09 22.33 -10.05
N ASP C 20 19.55 22.12 -11.27
CA ASP C 20 20.93 22.48 -11.60
C ASP C 20 21.21 23.92 -11.19
N LEU C 21 20.33 24.82 -11.61
CA LEU C 21 20.53 26.23 -11.30
C LEU C 21 20.52 26.47 -9.80
N LEU C 22 19.67 25.74 -9.07
CA LEU C 22 19.64 25.92 -7.63
C LEU C 22 20.96 25.53 -7.01
N LYS C 23 21.52 24.41 -7.46
CA LYS C 23 22.83 23.99 -6.96
C LYS C 23 23.89 24.99 -7.33
N LYS C 24 23.75 25.61 -8.50
CA LYS C 24 24.68 26.63 -8.92
C LYS C 24 24.61 27.82 -7.98
N THR C 25 23.39 28.20 -7.61
CA THR C 25 23.20 29.35 -6.75
C THR C 25 23.77 29.12 -5.35
N VAL C 26 23.52 27.95 -4.73
CA VAL C 26 24.18 27.68 -3.44
C VAL C 26 25.65 27.34 -3.61
N MET C 27 26.14 27.25 -4.85
CA MET C 27 27.57 27.05 -5.12
C MET C 27 28.00 25.63 -4.76
N LEU C 28 27.12 24.67 -4.96
CA LEU C 28 27.40 23.27 -4.64
C LEU C 28 28.03 22.62 -5.86
N GLY C 29 29.38 22.62 -5.90
CA GLY C 29 30.12 22.03 -6.98
C GLY C 29 30.71 20.68 -6.61
N GLU C 30 31.60 20.19 -7.50
CA GLU C 30 32.25 18.90 -7.30
C GLU C 30 33.06 18.88 -6.01
N LYS C 31 33.59 20.01 -5.63
CA LYS C 31 34.28 20.06 -4.36
C LYS C 31 33.38 19.76 -3.19
N ASP C 32 32.27 20.47 -3.09
CA ASP C 32 31.20 20.13 -2.13
C ASP C 32 30.85 18.65 -2.15
N VAL C 33 30.66 18.05 -3.34
CA VAL C 33 30.15 16.68 -3.37
C VAL C 33 31.06 15.74 -2.61
N MET C 34 32.37 16.00 -2.69
CA MET C 34 33.43 15.19 -2.09
C MET C 34 33.61 15.47 -0.61
N TYR C 35 33.62 16.76 -0.25
CA TYR C 35 33.38 17.27 1.11
C TYR C 35 32.16 16.60 1.75
N LEU C 36 31.04 16.52 1.02
CA LEU C 36 29.86 15.86 1.57
C LEU C 36 30.16 14.40 1.85
N LYS C 37 30.74 13.71 0.85
CA LYS C 37 31.05 12.30 1.05
C LYS C 37 32.02 12.11 2.22
N LYS C 38 33.03 12.98 2.32
CA LYS C 38 33.98 12.93 3.43
C LYS C 38 33.27 13.18 4.75
N ALA C 39 32.32 14.12 4.76
CA ALA C 39 31.50 14.31 5.94
C ALA C 39 30.74 13.04 6.27
N GLY C 40 30.26 12.32 5.25
CA GLY C 40 29.56 11.08 5.50
C GLY C 40 30.44 10.08 6.22
N ASP C 41 31.71 10.00 5.82
CA ASP C 41 32.69 9.22 6.57
C ASP C 41 32.75 9.68 8.02
N VAL C 42 32.75 11.00 8.26
CA VAL C 42 33.01 11.51 9.59
C VAL C 42 31.79 11.42 10.50
N LEU C 43 30.58 11.51 9.95
CA LEU C 43 29.36 11.61 10.76
C LEU C 43 28.84 10.23 11.07
N LYS C 44 28.78 9.39 10.03
CA LYS C 44 28.89 7.95 10.08
C LYS C 44 28.54 7.39 11.49
N ASP C 45 29.51 7.33 12.42
CA ASP C 45 29.26 6.73 13.74
C ASP C 45 28.84 7.76 14.78
N GLN C 46 28.54 8.98 14.36
CA GLN C 46 28.14 9.96 15.37
C GLN C 46 26.64 10.22 15.31
N VAL C 47 25.90 9.41 14.54
CA VAL C 47 24.53 9.80 14.19
C VAL C 47 23.65 9.85 15.43
N ASP C 48 23.79 8.89 16.34
CA ASP C 48 22.95 8.93 17.53
C ASP C 48 23.28 10.13 18.39
N GLU C 49 24.56 10.48 18.49
CA GLU C 49 24.91 11.71 19.19
C GLU C 49 24.30 12.92 18.51
N ILE C 50 24.35 12.96 17.18
CA ILE C 50 23.68 14.04 16.48
C ILE C 50 22.19 14.00 16.77
N LEU C 51 21.58 12.83 16.68
CA LEU C 51 20.14 12.75 16.92
C LEU C 51 19.78 13.25 18.31
N ASP C 52 20.58 12.90 19.34
CA ASP C 52 20.20 13.28 20.69
C ASP C 52 20.18 14.78 20.87
N LEU C 53 20.96 15.49 20.05
CA LEU C 53 20.91 16.95 20.06
C LEU C 53 19.65 17.49 19.38
N LEU C 54 19.07 16.75 18.43
CA LEU C 54 18.05 17.35 17.57
C LEU C 54 16.65 16.78 17.70
N VAL C 55 16.48 15.47 17.81
CA VAL C 55 15.16 14.90 17.68
C VAL C 55 15.06 13.62 18.50
N GLY C 56 13.85 13.27 18.89
CA GLY C 56 13.59 12.08 19.69
C GLY C 56 12.75 12.37 20.93
N TRP C 57 12.19 11.30 21.49
CA TRP C 57 11.34 11.40 22.66
C TRP C 57 12.06 12.04 23.84
N ARG C 58 13.36 11.78 23.98
CA ARG C 58 14.14 12.36 25.06
C ARG C 58 15.41 12.99 24.49
N ALA C 59 15.23 13.97 23.60
CA ALA C 59 16.32 14.71 23.03
C ALA C 59 16.24 16.15 23.51
N SER C 60 17.40 16.76 23.77
CA SER C 60 17.44 18.18 24.04
C SER C 60 16.54 18.90 23.07
N ASN C 61 15.52 19.57 23.60
CA ASN C 61 14.42 20.05 22.78
C ASN C 61 14.50 21.55 22.65
N GLU C 62 14.05 22.04 21.52
CA GLU C 62 13.76 23.44 21.35
C GLU C 62 12.26 23.63 21.62
N HIS C 63 11.72 24.79 21.29
CA HIS C 63 10.28 24.97 21.38
C HIS C 63 9.54 24.44 20.17
N LEU C 64 10.18 23.61 19.36
CA LEU C 64 9.55 22.93 18.23
C LEU C 64 9.16 21.49 18.56
N ILE C 65 9.14 21.11 19.85
CA ILE C 65 8.48 19.86 20.19
C ILE C 65 7.02 19.97 19.83
N TYR C 66 6.47 21.18 19.93
CA TYR C 66 5.09 21.44 19.58
C TYR C 66 4.71 20.82 18.25
N TYR C 67 5.61 20.89 17.27
CA TYR C 67 5.31 20.38 15.94
C TYR C 67 5.34 18.87 15.91
N PHE C 68 5.83 18.22 16.98
CA PHE C 68 5.69 16.78 17.10
C PHE C 68 4.55 16.40 18.00
N SER C 69 3.72 17.38 18.38
CA SER C 69 2.71 17.18 19.40
C SER C 69 1.33 17.03 18.79
N ASN C 70 0.45 16.53 19.59
CA ASN C 70 -0.96 16.69 19.33
C ASN C 70 -1.34 18.16 19.54
N PRO C 71 -1.91 18.83 18.55
CA PRO C 71 -2.17 20.27 18.72
C PRO C 71 -3.22 20.57 19.77
N ASP C 72 -4.20 19.69 19.96
CA ASP C 72 -5.29 19.99 20.88
C ASP C 72 -4.88 19.84 22.34
N THR C 73 -3.92 18.95 22.63
CA THR C 73 -3.42 18.79 23.99
C THR C 73 -2.01 19.30 24.17
N GLY C 74 -1.26 19.45 23.10
CA GLY C 74 0.08 19.91 23.28
C GLY C 74 1.02 18.83 23.75
N GLU C 75 0.54 17.59 23.84
CA GLU C 75 1.36 16.45 24.25
C GLU C 75 2.20 15.97 23.09
N PRO C 76 3.50 15.84 23.28
CA PRO C 76 4.35 15.28 22.22
C PRO C 76 4.02 13.83 21.97
N ILE C 77 4.17 13.41 20.71
CA ILE C 77 3.81 12.06 20.28
C ILE C 77 5.11 11.28 20.16
N LYS C 78 5.36 10.45 21.19
CA LYS C 78 6.58 9.64 21.29
C LYS C 78 6.96 8.95 19.97
N GLU C 79 6.06 8.15 19.45
CA GLU C 79 6.26 7.41 18.21
C GLU C 79 6.49 8.29 16.99
N TYR C 80 5.87 9.45 16.98
CA TYR C 80 6.15 10.43 15.96
C TYR C 80 7.58 10.88 16.08
N LEU C 81 7.97 11.30 17.29
CA LEU C 81 9.35 11.63 17.55
C LEU C 81 10.28 10.47 17.22
N GLU C 82 9.91 9.26 17.65
CA GLU C 82 10.71 8.07 17.37
C GLU C 82 10.87 7.85 15.87
N ARG C 83 9.76 7.77 15.16
CA ARG C 83 9.87 7.40 13.75
C ARG C 83 10.56 8.50 12.96
N VAL C 84 10.27 9.77 13.28
CA VAL C 84 10.93 10.84 12.55
C VAL C 84 12.41 10.82 12.81
N ARG C 85 12.80 10.59 14.06
CA ARG C 85 14.21 10.59 14.42
C ARG C 85 14.98 9.60 13.58
N ALA C 86 14.40 8.42 13.35
CA ALA C 86 15.09 7.42 12.55
C ALA C 86 15.27 7.91 11.12
N ARG C 87 14.21 8.45 10.53
CA ARG C 87 14.33 8.99 9.18
C ARG C 87 15.33 10.15 9.12
N PHE C 88 15.41 10.93 10.21
CA PHE C 88 16.39 12.00 10.32
C PHE C 88 17.81 11.45 10.38
N GLY C 89 18.03 10.44 11.23
CA GLY C 89 19.31 9.76 11.21
C GLY C 89 19.74 9.35 9.80
N ALA C 90 18.80 8.80 9.03
CA ALA C 90 19.12 8.42 7.65
C ALA C 90 19.37 9.65 6.78
N TRP C 91 18.61 10.72 7.02
CA TRP C 91 18.81 11.94 6.22
C TRP C 91 20.20 12.49 6.42
N ILE C 92 20.74 12.36 7.63
CA ILE C 92 22.11 12.80 7.86
C ILE C 92 23.05 12.14 6.86
N LEU C 93 22.88 10.85 6.66
CA LEU C 93 23.74 10.14 5.74
C LEU C 93 23.28 10.31 4.31
N ASP C 94 21.97 10.51 4.07
CA ASP C 94 21.54 10.85 2.73
C ASP C 94 22.15 12.17 2.28
N THR C 95 22.23 13.13 3.21
CA THR C 95 22.76 14.45 2.88
C THR C 95 24.22 14.38 2.51
N THR C 96 24.97 13.51 3.19
CA THR C 96 26.41 13.47 2.98
C THR C 96 26.81 12.48 1.91
N SER C 97 25.97 11.50 1.61
CA SER C 97 26.42 10.39 0.78
C SER C 97 25.62 10.17 -0.50
N ARG C 98 24.42 10.71 -0.62
CA ARG C 98 23.70 10.50 -1.88
C ARG C 98 24.26 11.44 -2.90
N ASP C 99 24.30 10.99 -4.16
CA ASP C 99 24.49 11.90 -5.26
C ASP C 99 23.25 12.77 -5.39
N TYR C 100 23.46 14.06 -5.62
CA TYR C 100 22.36 15.03 -5.59
C TYR C 100 21.73 15.09 -6.99
N ASN C 101 21.05 14.01 -7.33
CA ASN C 101 20.48 13.80 -8.65
C ASN C 101 18.95 13.92 -8.54
N ARG C 102 18.25 13.53 -9.61
CA ARG C 102 16.79 13.66 -9.61
C ARG C 102 16.20 12.87 -8.43
N GLU C 103 16.67 11.64 -8.23
CA GLU C 103 16.21 10.84 -7.10
C GLU C 103 16.36 11.60 -5.78
N TRP C 104 17.52 12.21 -5.56
CA TRP C 104 17.69 13.04 -4.36
C TRP C 104 16.68 14.18 -4.36
N LEU C 105 16.62 14.94 -5.45
CA LEU C 105 15.71 16.07 -5.51
C LEU C 105 14.29 15.66 -5.13
N ASP C 106 13.86 14.53 -5.69
CA ASP C 106 12.51 14.05 -5.46
C ASP C 106 12.30 13.73 -3.99
N TYR C 107 13.33 13.20 -3.31
CA TYR C 107 13.15 12.96 -1.88
C TYR C 107 13.14 14.27 -1.10
N GLN C 108 14.02 15.21 -1.44
CA GLN C 108 14.02 16.45 -0.69
C GLN C 108 12.67 17.12 -0.83
N TYR C 109 12.06 17.02 -2.00
CA TYR C 109 10.74 17.60 -2.19
C TYR C 109 9.71 16.93 -1.29
N GLU C 110 9.67 15.60 -1.33
CA GLU C 110 8.90 14.81 -0.38
C GLU C 110 9.10 15.31 1.04
N VAL C 111 10.35 15.46 1.45
CA VAL C 111 10.61 15.86 2.83
C VAL C 111 9.99 17.24 3.08
N GLY C 112 10.06 18.14 2.10
CA GLY C 112 9.43 19.44 2.30
C GLY C 112 7.92 19.31 2.43
N LEU C 113 7.31 18.43 1.61
CA LEU C 113 5.88 18.18 1.72
C LEU C 113 5.51 17.66 3.10
N ARG C 114 6.40 16.90 3.72
CA ARG C 114 6.12 16.29 5.01
C ARG C 114 6.22 17.30 6.15
N HIS C 115 6.86 18.44 5.91
CA HIS C 115 6.76 19.54 6.84
C HIS C 115 5.55 20.38 6.58
N HIS C 116 5.06 20.33 5.36
CA HIS C 116 3.97 21.16 4.88
C HIS C 116 2.64 20.53 5.25
N ARG C 117 1.59 21.35 5.31
CA ARG C 117 0.25 20.78 5.55
C ARG C 117 -0.12 19.70 4.52
N SER C 118 0.59 19.64 3.38
CA SER C 118 0.23 18.67 2.34
C SER C 118 0.32 17.25 2.86
N LYS C 119 1.40 16.91 3.59
CA LYS C 119 1.58 15.54 4.06
C LYS C 119 2.10 15.39 5.50
N LYS C 120 2.32 16.47 6.23
CA LYS C 120 2.78 16.34 7.60
C LYS C 120 1.87 15.41 8.39
N GLY C 121 2.46 14.51 9.17
CA GLY C 121 1.66 13.58 9.97
C GLY C 121 1.16 12.36 9.20
N VAL C 122 1.13 12.43 7.87
CA VAL C 122 0.55 11.33 7.11
C VAL C 122 1.46 10.11 7.16
N THR C 123 2.77 10.34 7.04
CA THR C 123 3.74 9.25 6.98
C THR C 123 3.71 8.38 8.24
N ASP C 124 3.42 8.97 9.39
CA ASP C 124 3.39 8.25 10.63
C ASP C 124 1.98 8.07 11.15
N GLY C 125 0.98 8.40 10.34
CA GLY C 125 -0.40 8.22 10.74
C GLY C 125 -0.74 8.86 12.05
N VAL C 126 -0.11 10.00 12.39
CA VAL C 126 -0.35 10.61 13.68
C VAL C 126 -1.32 11.76 13.48
N ARG C 127 -1.98 12.17 14.57
CA ARG C 127 -2.82 13.34 14.54
C ARG C 127 -2.00 14.45 15.18
N THR C 128 -1.48 15.36 14.35
CA THR C 128 -0.47 16.26 14.86
C THR C 128 -0.71 17.66 14.33
N VAL C 129 0.16 18.58 14.76
CA VAL C 129 0.16 19.95 14.25
C VAL C 129 0.22 19.83 12.73
N PRO C 130 -0.78 20.35 12.01
CA PRO C 130 -0.93 20.01 10.59
C PRO C 130 0.18 20.54 9.71
N HIS C 131 0.89 21.58 10.13
CA HIS C 131 1.70 22.35 9.21
C HIS C 131 2.83 22.99 9.98
N ILE C 132 4.03 22.97 9.39
CA ILE C 132 5.17 23.70 9.91
C ILE C 132 5.35 24.97 9.12
N PRO C 133 5.12 26.15 9.70
CA PRO C 133 5.22 27.42 8.95
C PRO C 133 6.58 27.56 8.26
N LEU C 134 6.55 28.13 7.07
CA LEU C 134 7.79 28.28 6.30
C LEU C 134 8.83 29.08 7.06
N ARG C 135 8.40 30.15 7.73
CA ARG C 135 9.34 30.95 8.49
C ARG C 135 10.22 30.06 9.38
N TYR C 136 9.64 29.01 9.96
CA TYR C 136 10.44 28.19 10.86
C TYR C 136 11.35 27.25 10.08
N LEU C 137 10.90 26.77 8.92
CA LEU C 137 11.78 25.97 8.07
C LEU C 137 13.01 26.74 7.68
N ILE C 138 12.87 28.02 7.37
CA ILE C 138 14.03 28.79 6.95
C ILE C 138 14.91 29.11 8.16
N ALA C 139 14.29 29.58 9.25
CA ALA C 139 15.09 29.84 10.44
C ALA C 139 15.92 28.62 10.82
N GLN C 140 15.33 27.42 10.70
CA GLN C 140 16.01 26.18 11.08
C GLN C 140 17.35 26.00 10.35
N ILE C 141 17.47 26.49 9.11
CA ILE C 141 18.74 26.44 8.36
C ILE C 141 19.93 26.71 9.28
N TYR C 142 19.81 27.73 10.15
CA TYR C 142 20.98 28.04 11.02
C TYR C 142 21.26 26.93 12.01
N PRO C 143 20.32 26.53 12.87
CA PRO C 143 20.68 25.51 13.89
C PRO C 143 21.06 24.20 13.27
N LEU C 144 20.45 23.82 12.14
CA LEU C 144 20.76 22.50 11.59
C LEU C 144 22.04 22.51 10.79
N THR C 145 22.52 23.69 10.40
CA THR C 145 23.85 23.80 9.84
C THR C 145 24.92 23.83 10.93
N ALA C 146 24.74 24.71 11.91
CA ALA C 146 25.78 24.96 12.90
C ALA C 146 25.91 23.80 13.89
N THR C 147 24.81 23.13 14.21
CA THR C 147 24.88 21.97 15.08
C THR C 147 25.89 20.94 14.58
N ILE C 148 25.95 20.74 13.26
CA ILE C 148 26.75 19.65 12.72
C ILE C 148 28.26 19.89 12.89
N LYS C 149 28.71 21.14 12.98
CA LYS C 149 30.14 21.38 12.82
C LYS C 149 31.01 20.70 13.86
N PRO C 150 30.65 20.65 15.15
CA PRO C 150 31.52 19.99 16.15
C PRO C 150 31.76 18.50 15.86
N PHE C 151 30.68 17.79 15.50
CA PHE C 151 30.65 16.48 14.81
C PHE C 151 31.70 16.34 13.69
N LEU C 152 31.73 17.31 12.78
CA LEU C 152 32.69 17.26 11.70
C LEU C 152 34.10 17.39 12.21
N ALA C 153 34.28 18.06 13.34
CA ALA C 153 35.59 18.35 13.88
C ALA C 153 36.06 17.32 14.89
N LYS C 154 35.16 16.50 15.41
CA LYS C 154 35.53 15.58 16.49
C LYS C 154 36.67 14.65 16.08
N LYS C 155 36.72 14.26 14.82
CA LYS C 155 37.86 13.51 14.33
C LYS C 155 39.03 14.46 14.07
N PRO C 159 41.09 21.83 9.15
CA PRO C 159 40.14 22.95 9.30
C PRO C 159 39.49 23.28 7.95
N GLU C 160 40.39 23.35 6.97
CA GLU C 160 40.05 23.43 5.56
C GLU C 160 39.11 22.28 5.20
N ASP C 161 39.58 21.07 5.42
CA ASP C 161 38.75 19.88 5.59
C ASP C 161 37.44 20.19 6.33
N ILE C 162 37.54 20.57 7.59
CA ILE C 162 36.32 20.80 8.34
C ILE C 162 35.53 21.91 7.69
N GLU C 163 36.16 22.99 7.23
CA GLU C 163 35.37 24.06 6.60
C GLU C 163 34.73 23.55 5.32
N GLY C 164 35.47 22.77 4.52
CA GLY C 164 34.90 22.25 3.29
C GLY C 164 33.73 21.33 3.55
N MET C 165 33.88 20.40 4.47
CA MET C 165 32.72 19.60 4.87
C MET C 165 31.62 20.52 5.40
N TYR C 166 31.97 21.46 6.26
CA TYR C 166 30.91 22.20 6.88
C TYR C 166 30.21 23.14 5.90
N ASN C 167 30.95 23.78 5.00
CA ASN C 167 30.25 24.59 4.01
C ASN C 167 29.40 23.74 3.08
N ALA C 168 29.86 22.53 2.74
CA ALA C 168 29.05 21.64 1.92
C ALA C 168 27.73 21.32 2.62
N TRP C 169 27.79 20.96 3.90
CA TRP C 169 26.57 20.71 4.66
C TRP C 169 25.66 21.93 4.62
N PHE C 170 26.24 23.10 4.87
CA PHE C 170 25.51 24.38 4.79
C PHE C 170 24.80 24.53 3.45
N LYS C 171 25.55 24.37 2.35
CA LYS C 171 24.94 24.46 1.03
C LYS C 171 23.77 23.49 0.90
N SER C 172 23.96 22.26 1.37
CA SER C 172 22.91 21.26 1.24
C SER C 172 21.69 21.66 2.03
N VAL C 173 21.87 22.09 3.28
CA VAL C 173 20.71 22.45 4.07
C VAL C 173 19.95 23.58 3.39
N VAL C 174 20.68 24.57 2.88
CA VAL C 174 20.03 25.69 2.21
C VAL C 174 19.30 25.18 0.99
N LEU C 175 20.00 24.42 0.16
CA LEU C 175 19.43 23.91 -1.07
C LEU C 175 18.15 23.16 -0.81
N GLN C 176 18.18 22.29 0.22
CA GLN C 176 17.00 21.55 0.62
C GLN C 176 15.86 22.47 0.97
N VAL C 177 16.12 23.43 1.85
CA VAL C 177 15.04 24.31 2.28
C VAL C 177 14.54 25.11 1.07
N ALA C 178 15.46 25.51 0.18
CA ALA C 178 15.01 26.18 -1.04
C ALA C 178 14.03 25.31 -1.81
N ILE C 179 14.34 24.02 -1.93
CA ILE C 179 13.43 23.11 -2.60
C ILE C 179 12.10 23.03 -1.84
N TRP C 180 12.20 22.83 -0.53
CA TRP C 180 11.01 22.67 0.29
C TRP C 180 10.06 23.83 0.13
N SER C 181 10.59 25.06 0.02
CA SER C 181 9.73 26.24 -0.05
C SER C 181 8.70 26.15 -1.18
N HIS C 182 8.91 25.30 -2.20
CA HIS C 182 8.03 25.33 -3.36
C HIS C 182 6.56 25.08 -3.01
N PRO C 183 6.20 24.05 -2.24
CA PRO C 183 4.80 23.90 -1.83
C PRO C 183 4.35 25.00 -0.89
N TYR C 184 5.25 25.69 -0.20
CA TYR C 184 4.78 26.79 0.64
C TYR C 184 4.53 28.08 -0.14
N THR C 185 5.18 28.23 -1.29
CA THR C 185 5.16 29.51 -2.04
C THR C 185 3.89 29.71 -2.85
N LYS C 186 3.46 30.97 -3.05
CA LYS C 186 2.34 31.36 -3.98
C LYS C 186 2.70 30.85 -5.38
N GLU C 187 1.69 30.54 -6.22
CA GLU C 187 1.90 29.74 -7.41
C GLU C 187 3.14 30.14 -8.21
N ASN C 188 3.33 31.44 -8.44
CA ASN C 188 4.39 31.88 -9.35
C ASN C 188 5.58 32.53 -8.66
N ASP C 189 5.69 32.44 -7.34
CA ASP C 189 6.69 33.21 -6.61
C ASP C 189 7.94 32.41 -6.28
N TRP C 190 7.94 31.11 -6.55
CA TRP C 190 9.07 30.29 -6.13
C TRP C 190 10.27 30.38 -7.06
N ILE D 1 23.19 3.26 -18.47
CA ILE D 1 23.08 2.06 -19.31
C ILE D 1 21.65 1.86 -19.81
N PRO D 2 21.45 2.14 -21.08
CA PRO D 2 20.09 2.04 -21.63
C PRO D 2 19.53 0.64 -21.39
N GLY D 3 18.25 0.60 -21.02
CA GLY D 3 17.54 -0.60 -20.67
C GLY D 3 17.82 -1.13 -19.28
N TYR D 4 18.95 -0.75 -18.67
CA TYR D 4 19.31 -1.34 -17.39
C TYR D 4 18.37 -0.79 -16.34
N ASP D 5 17.49 -1.66 -15.83
CA ASP D 5 16.31 -1.23 -15.10
C ASP D 5 16.30 -1.80 -13.70
N TYR D 6 17.45 -2.23 -13.19
CA TYR D 6 17.51 -2.78 -11.85
C TYR D 6 16.89 -1.79 -10.87
N GLY D 7 16.00 -2.29 -10.03
CA GLY D 7 15.32 -1.42 -9.10
C GLY D 7 14.22 -0.56 -9.70
N ARG D 8 13.93 -0.66 -10.99
CA ARG D 8 12.87 0.14 -11.59
C ARG D 8 11.93 -0.72 -12.43
N VAL D 9 11.63 -1.96 -12.00
CA VAL D 9 10.69 -2.82 -12.71
C VAL D 9 9.52 -3.18 -11.79
N GLU D 10 8.44 -3.63 -12.42
CA GLU D 10 7.23 -4.00 -11.74
C GLU D 10 7.50 -5.20 -10.82
N LYS D 11 6.48 -5.52 -10.03
CA LYS D 11 6.58 -6.63 -9.09
C LYS D 11 6.41 -7.94 -9.81
N SER D 12 7.39 -8.85 -9.66
CA SER D 12 7.25 -10.16 -10.26
C SER D 12 6.17 -10.96 -9.55
N PRO D 13 5.44 -11.80 -10.26
CA PRO D 13 4.32 -12.52 -9.63
C PRO D 13 4.78 -13.79 -8.92
N ILE D 14 5.91 -13.68 -8.22
CA ILE D 14 6.49 -14.75 -7.43
C ILE D 14 6.53 -14.25 -6.00
N THR D 15 5.99 -15.02 -5.07
CA THR D 15 5.85 -14.48 -3.72
C THR D 15 7.22 -14.41 -3.05
N ASP D 16 7.27 -13.67 -1.95
CA ASP D 16 8.51 -13.60 -1.20
C ASP D 16 8.86 -14.94 -0.57
N LEU D 17 7.86 -15.72 -0.18
CA LEU D 17 8.16 -17.03 0.40
C LEU D 17 8.62 -18.00 -0.69
N GLU D 18 7.97 -17.98 -1.85
CA GLU D 18 8.46 -18.83 -2.94
C GLU D 18 9.92 -18.52 -3.22
N PHE D 19 10.25 -17.23 -3.26
CA PHE D 19 11.63 -16.84 -3.43
C PHE D 19 12.52 -17.35 -2.31
N ASP D 20 12.09 -17.14 -1.06
CA ASP D 20 12.84 -17.69 0.06
C ASP D 20 13.09 -19.18 -0.16
N LEU D 21 12.03 -19.91 -0.46
CA LEU D 21 12.15 -21.34 -0.64
C LEU D 21 13.07 -21.68 -1.80
N LEU D 22 13.04 -20.86 -2.86
CA LEU D 22 13.93 -21.13 -3.98
C LEU D 22 15.38 -20.98 -3.55
N LYS D 23 15.67 -19.94 -2.79
CA LYS D 23 17.04 -19.77 -2.30
C LYS D 23 17.43 -20.90 -1.37
N LYS D 24 16.47 -21.41 -0.59
CA LYS D 24 16.73 -22.56 0.27
C LYS D 24 17.08 -23.79 -0.57
N THR D 25 16.37 -23.97 -1.68
CA THR D 25 16.59 -25.12 -2.53
C THR D 25 17.98 -25.07 -3.20
N VAL D 26 18.38 -23.91 -3.76
CA VAL D 26 19.74 -23.83 -4.29
C VAL D 26 20.77 -23.72 -3.18
N MET D 27 20.35 -23.64 -1.91
CA MET D 27 21.27 -23.64 -0.76
C MET D 27 22.05 -22.34 -0.66
N LEU D 28 21.41 -21.24 -1.04
CA LEU D 28 22.05 -19.92 -1.01
C LEU D 28 21.83 -19.30 0.37
N GLY D 29 22.80 -19.51 1.27
CA GLY D 29 22.73 -18.99 2.60
C GLY D 29 23.63 -17.77 2.79
N GLU D 30 23.78 -17.37 4.06
CA GLU D 30 24.60 -16.22 4.42
C GLU D 30 26.04 -16.40 3.98
N LYS D 31 26.51 -17.63 3.97
CA LYS D 31 27.84 -17.86 3.46
C LYS D 31 27.99 -17.50 2.00
N ASP D 32 27.11 -18.02 1.16
CA ASP D 32 27.00 -17.59 -0.24
C ASP D 32 26.97 -16.06 -0.37
N VAL D 33 26.15 -15.37 0.43
CA VAL D 33 25.96 -13.94 0.22
C VAL D 33 27.29 -13.21 0.28
N MET D 34 28.16 -13.67 1.19
CA MET D 34 29.47 -13.06 1.48
C MET D 34 30.52 -13.46 0.46
N TYR D 35 30.56 -14.76 0.12
CA TYR D 35 31.19 -15.30 -1.10
C TYR D 35 30.81 -14.49 -2.34
N LEU D 36 29.51 -14.18 -2.51
CA LEU D 36 29.10 -13.38 -3.66
C LEU D 36 29.74 -12.00 -3.58
N LYS D 37 29.63 -11.36 -2.42
CA LYS D 37 30.22 -10.03 -2.29
C LYS D 37 31.72 -10.06 -2.53
N LYS D 38 32.41 -11.03 -1.92
CA LYS D 38 33.83 -11.23 -2.21
C LYS D 38 34.05 -11.36 -3.71
N ALA D 39 33.29 -12.25 -4.35
CA ALA D 39 33.43 -12.38 -5.80
C ALA D 39 33.28 -11.01 -6.47
N GLY D 40 32.36 -10.18 -5.96
CA GLY D 40 32.21 -8.86 -6.54
C GLY D 40 33.50 -8.06 -6.46
N ASP D 41 34.19 -8.15 -5.32
CA ASP D 41 35.52 -7.59 -5.20
C ASP D 41 36.45 -8.14 -6.29
N VAL D 42 36.38 -9.44 -6.53
CA VAL D 42 37.37 -10.08 -7.40
C VAL D 42 37.08 -9.86 -8.89
N LEU D 43 35.80 -9.72 -9.26
CA LEU D 43 35.41 -9.66 -10.67
C LEU D 43 35.45 -8.24 -11.17
N LYS D 44 34.86 -7.35 -10.37
CA LYS D 44 35.20 -5.94 -10.25
C LYS D 44 35.94 -5.42 -11.51
N ASP D 45 37.29 -5.57 -11.58
CA ASP D 45 38.06 -5.01 -12.70
C ASP D 45 38.27 -6.04 -13.81
N GLN D 46 37.58 -7.16 -13.78
CA GLN D 46 37.78 -8.13 -14.85
C GLN D 46 36.59 -8.14 -15.80
N VAL D 47 35.66 -7.18 -15.67
CA VAL D 47 34.37 -7.33 -16.32
C VAL D 47 34.51 -7.31 -17.83
N ASP D 48 35.37 -6.44 -18.36
CA ASP D 48 35.52 -6.42 -19.82
C ASP D 48 36.13 -7.71 -20.31
N GLU D 49 37.09 -8.26 -19.57
CA GLU D 49 37.60 -9.57 -19.96
C GLU D 49 36.52 -10.62 -19.91
N ILE D 50 35.69 -10.59 -18.87
CA ILE D 50 34.55 -11.50 -18.84
C ILE D 50 33.65 -11.25 -20.03
N LEU D 51 33.33 -9.99 -20.29
CA LEU D 51 32.43 -9.70 -21.41
C LEU D 51 32.99 -10.22 -22.73
N ASP D 52 34.31 -10.07 -22.96
CA ASP D 52 34.85 -10.46 -24.25
C ASP D 52 34.72 -11.96 -24.49
N LEU D 53 34.64 -12.73 -23.41
CA LEU D 53 34.38 -14.16 -23.52
C LEU D 53 32.91 -14.45 -23.86
N LEU D 54 31.98 -13.57 -23.48
CA LEU D 54 30.58 -13.96 -23.54
C LEU D 54 29.72 -13.18 -24.52
N VAL D 55 29.87 -11.86 -24.63
CA VAL D 55 28.89 -11.07 -25.37
C VAL D 55 29.56 -9.85 -25.97
N GLY D 56 28.98 -9.34 -27.05
CA GLY D 56 29.49 -8.16 -27.74
C GLY D 56 29.63 -8.41 -29.24
N LEU D 64 24.92 -18.98 -30.39
CA LEU D 64 23.82 -18.13 -29.92
C LEU D 64 23.97 -16.67 -30.34
N ILE D 65 24.86 -16.39 -31.30
CA ILE D 65 24.80 -15.06 -31.92
C ILE D 65 23.46 -14.92 -32.61
N TYR D 66 22.93 -16.04 -33.11
CA TYR D 66 21.64 -16.05 -33.76
C TYR D 66 20.59 -15.30 -32.97
N TYR D 67 20.60 -15.46 -31.64
CA TYR D 67 19.59 -14.81 -30.80
C TYR D 67 19.83 -13.32 -30.67
N PHE D 68 20.99 -12.84 -31.13
CA PHE D 68 21.19 -11.39 -31.22
C PHE D 68 21.01 -10.90 -32.64
N SER D 69 20.48 -11.75 -33.51
CA SER D 69 20.43 -11.47 -34.93
C SER D 69 19.03 -11.06 -35.36
N ASN D 70 18.98 -10.47 -36.51
CA ASN D 70 17.74 -10.39 -37.24
C ASN D 70 17.38 -11.79 -37.74
N PRO D 71 16.20 -12.31 -37.40
CA PRO D 71 15.88 -13.69 -37.78
C PRO D 71 15.75 -13.89 -39.28
N ASP D 72 15.29 -12.87 -40.01
CA ASP D 72 15.02 -13.06 -41.43
C ASP D 72 16.31 -13.06 -42.26
N THR D 73 17.35 -12.35 -41.81
CA THR D 73 18.63 -12.35 -42.50
C THR D 73 19.72 -13.08 -41.73
N GLY D 74 19.54 -13.30 -40.45
CA GLY D 74 20.59 -13.97 -39.74
C GLY D 74 21.77 -13.09 -39.41
N GLU D 75 21.66 -11.79 -39.73
CA GLU D 75 22.73 -10.82 -39.44
C GLU D 75 22.67 -10.41 -37.98
N PRO D 76 23.77 -10.50 -37.26
CA PRO D 76 23.79 -10.02 -35.87
C PRO D 76 23.61 -8.51 -35.82
N ILE D 77 22.98 -8.06 -34.75
CA ILE D 77 22.63 -6.64 -34.58
C ILE D 77 23.65 -6.07 -33.60
N LYS D 78 24.64 -5.37 -34.15
CA LYS D 78 25.72 -4.75 -33.38
C LYS D 78 25.27 -4.06 -32.10
N GLU D 79 24.38 -3.10 -32.26
CA GLU D 79 23.84 -2.32 -31.14
C GLU D 79 23.08 -3.15 -30.12
N TYR D 80 22.42 -4.20 -30.58
CA TYR D 80 21.81 -5.15 -29.69
C TYR D 80 22.88 -5.82 -28.87
N LEU D 81 23.89 -6.38 -29.56
CA LEU D 81 25.03 -6.93 -28.86
C LEU D 81 25.68 -5.91 -27.94
N GLU D 82 25.87 -4.69 -28.44
CA GLU D 82 26.48 -3.62 -27.64
C GLU D 82 25.66 -3.35 -26.39
N ARG D 83 24.37 -3.05 -26.57
CA ARG D 83 23.60 -2.61 -25.42
C ARG D 83 23.42 -3.76 -24.43
N VAL D 84 23.23 -4.98 -24.94
CA VAL D 84 23.05 -6.10 -24.02
C VAL D 84 24.33 -6.33 -23.24
N ARG D 85 25.48 -6.25 -23.93
CA ARG D 85 26.75 -6.50 -23.27
C ARG D 85 26.92 -5.58 -22.07
N ALA D 86 26.54 -4.32 -22.21
CA ALA D 86 26.69 -3.38 -21.10
C ALA D 86 25.81 -3.81 -19.92
N ARG D 87 24.55 -4.15 -20.21
CA ARG D 87 23.67 -4.62 -19.14
C ARG D 87 24.19 -5.91 -18.52
N PHE D 88 24.83 -6.75 -19.33
CA PHE D 88 25.46 -7.97 -18.84
C PHE D 88 26.64 -7.66 -17.93
N GLY D 89 27.51 -6.75 -18.35
CA GLY D 89 28.56 -6.29 -17.46
C GLY D 89 28.02 -5.86 -16.11
N ALA D 90 26.90 -5.12 -16.09
CA ALA D 90 26.31 -4.71 -14.83
C ALA D 90 25.73 -5.91 -14.08
N TRP D 91 25.14 -6.87 -14.81
CA TRP D 91 24.58 -8.05 -14.16
C TRP D 91 25.66 -8.82 -13.43
N ILE D 92 26.86 -8.85 -13.99
CA ILE D 92 27.97 -9.52 -13.30
C ILE D 92 28.11 -8.96 -11.89
N LEU D 93 28.05 -7.64 -11.77
CA LEU D 93 28.21 -7.03 -10.47
C LEU D 93 26.90 -7.03 -9.70
N ASP D 94 25.75 -7.01 -10.39
CA ASP D 94 24.50 -7.19 -9.67
C ASP D 94 24.45 -8.57 -9.02
N THR D 95 24.96 -9.58 -9.71
CA THR D 95 24.93 -10.94 -9.21
C THR D 95 25.78 -11.09 -7.96
N THR D 96 26.92 -10.40 -7.93
CA THR D 96 27.86 -10.56 -6.84
C THR D 96 27.61 -9.58 -5.71
N SER D 97 26.94 -8.47 -5.98
CA SER D 97 26.91 -7.40 -5.00
C SER D 97 25.52 -6.98 -4.54
N ARG D 98 24.46 -7.30 -5.25
CA ARG D 98 23.15 -6.92 -4.76
C ARG D 98 22.74 -7.86 -3.68
N ASP D 99 22.03 -7.34 -2.68
CA ASP D 99 21.30 -8.22 -1.78
C ASP D 99 20.16 -8.86 -2.55
N TYR D 100 19.96 -10.16 -2.31
CA TYR D 100 19.01 -10.95 -3.09
C TYR D 100 17.63 -10.82 -2.46
N ASN D 101 17.06 -9.63 -2.58
CA ASN D 101 15.81 -9.24 -1.95
C ASN D 101 14.73 -9.13 -3.04
N ARG D 102 13.58 -8.58 -2.66
CA ARG D 102 12.49 -8.47 -3.63
C ARG D 102 12.93 -7.67 -4.86
N GLU D 103 13.62 -6.55 -4.64
CA GLU D 103 14.14 -5.75 -5.74
C GLU D 103 14.99 -6.60 -6.68
N TRP D 104 15.90 -7.40 -6.13
CA TRP D 104 16.66 -8.32 -6.96
C TRP D 104 15.74 -9.27 -7.69
N LEU D 105 14.86 -9.95 -6.95
CA LEU D 105 13.97 -10.92 -7.57
C LEU D 105 13.24 -10.31 -8.76
N ASP D 106 12.73 -9.10 -8.55
CA ASP D 106 11.96 -8.43 -9.57
C ASP D 106 12.81 -8.17 -10.80
N TYR D 107 14.11 -7.85 -10.62
CA TYR D 107 14.94 -7.67 -11.80
C TYR D 107 15.23 -9.01 -12.47
N GLN D 108 15.52 -10.05 -11.69
CA GLN D 108 15.81 -11.33 -12.34
C GLN D 108 14.62 -11.76 -13.15
N TYR D 109 13.41 -11.49 -12.66
CA TYR D 109 12.21 -11.84 -13.42
C TYR D 109 12.15 -11.06 -14.72
N GLU D 110 12.30 -9.75 -14.64
CA GLU D 110 12.47 -8.91 -15.81
C GLU D 110 13.47 -9.53 -16.78
N VAL D 111 14.66 -9.90 -16.29
CA VAL D 111 15.66 -10.41 -17.19
C VAL D 111 15.17 -11.69 -17.86
N GLY D 112 14.44 -12.54 -17.13
CA GLY D 112 13.88 -13.72 -17.77
C GLY D 112 12.87 -13.36 -18.84
N LEU D 113 12.03 -12.35 -18.57
CA LEU D 113 11.08 -11.88 -19.57
C LEU D 113 11.79 -11.39 -20.82
N ARG D 114 12.98 -10.81 -20.67
CA ARG D 114 13.70 -10.26 -21.79
C ARG D 114 14.36 -11.34 -22.63
N HIS D 115 14.50 -12.54 -22.10
CA HIS D 115 14.87 -13.68 -22.94
C HIS D 115 13.65 -14.29 -23.59
N HIS D 116 12.50 -14.09 -22.98
CA HIS D 116 11.25 -14.72 -23.38
C HIS D 116 10.61 -13.90 -24.49
N ARG D 117 9.74 -14.54 -25.28
CA ARG D 117 9.00 -13.79 -26.28
C ARG D 117 8.21 -12.61 -25.68
N SER D 118 8.01 -12.59 -24.37
CA SER D 118 7.23 -11.51 -23.76
C SER D 118 7.86 -10.15 -24.01
N LYS D 119 9.18 -10.03 -23.83
CA LYS D 119 9.85 -8.74 -23.99
C LYS D 119 11.19 -8.77 -24.72
N LYS D 120 11.66 -9.91 -25.19
CA LYS D 120 12.92 -9.93 -25.92
C LYS D 120 12.90 -8.92 -27.06
N GLY D 121 13.99 -8.17 -27.21
CA GLY D 121 14.07 -7.18 -28.28
C GLY D 121 13.40 -5.85 -27.96
N VAL D 122 12.50 -5.83 -26.97
CA VAL D 122 11.74 -4.60 -26.72
C VAL D 122 12.64 -3.56 -26.09
N THR D 123 13.50 -3.98 -25.16
CA THR D 123 14.35 -3.06 -24.42
C THR D 123 15.28 -2.28 -25.33
N ASP D 124 15.73 -2.89 -26.43
CA ASP D 124 16.63 -2.23 -27.35
C ASP D 124 15.94 -1.87 -28.65
N GLY D 125 14.64 -1.99 -28.71
CA GLY D 125 13.91 -1.61 -29.90
C GLY D 125 14.40 -2.28 -31.15
N VAL D 126 14.90 -3.51 -31.05
CA VAL D 126 15.48 -4.16 -32.23
C VAL D 126 14.45 -5.12 -32.78
N ARG D 127 14.61 -5.49 -34.04
CA ARG D 127 13.77 -6.50 -34.65
C ARG D 127 14.63 -7.77 -34.66
N THR D 128 14.32 -8.70 -33.75
CA THR D 128 15.27 -9.78 -33.52
C THR D 128 14.52 -11.09 -33.37
N VAL D 129 15.29 -12.16 -33.17
CA VAL D 129 14.74 -13.47 -32.87
C VAL D 129 13.82 -13.28 -31.67
N PRO D 130 12.52 -13.58 -31.82
CA PRO D 130 11.53 -13.15 -30.82
C PRO D 130 11.70 -13.79 -29.46
N HIS D 131 12.33 -14.94 -29.38
CA HIS D 131 12.21 -15.78 -28.19
C HIS D 131 13.45 -16.63 -28.07
N ILE D 132 13.96 -16.77 -26.86
CA ILE D 132 15.03 -17.71 -26.54
C ILE D 132 14.44 -18.94 -25.90
N PRO D 133 14.45 -20.09 -26.55
CA PRO D 133 13.85 -21.32 -26.00
C PRO D 133 14.38 -21.64 -24.61
N LEU D 134 13.49 -22.11 -23.75
CA LEU D 134 13.87 -22.41 -22.37
C LEU D 134 15.02 -23.42 -22.32
N ARG D 135 14.97 -24.44 -23.17
CA ARG D 135 16.03 -25.42 -23.17
C ARG D 135 17.40 -24.74 -23.22
N TYR D 136 17.53 -23.64 -23.97
CA TYR D 136 18.83 -23.02 -24.07
C TYR D 136 19.15 -22.19 -22.85
N LEU D 137 18.13 -21.58 -22.23
CA LEU D 137 18.35 -20.88 -20.97
C LEU D 137 18.90 -21.81 -19.91
N ILE D 138 18.39 -23.03 -19.85
CA ILE D 138 18.85 -23.94 -18.82
C ILE D 138 20.23 -24.48 -19.18
N ALA D 139 20.41 -24.91 -20.43
CA ALA D 139 21.74 -25.36 -20.83
C ALA D 139 22.80 -24.31 -20.49
N GLN D 140 22.47 -23.03 -20.71
CA GLN D 140 23.42 -21.95 -20.49
C GLN D 140 23.96 -21.92 -19.05
N ILE D 141 23.16 -22.35 -18.06
CA ILE D 141 23.63 -22.47 -16.67
C ILE D 141 25.07 -22.97 -16.61
N TYR D 142 25.38 -24.01 -17.40
CA TYR D 142 26.77 -24.56 -17.30
C TYR D 142 27.80 -23.56 -17.81
N PRO D 143 27.72 -23.07 -19.05
CA PRO D 143 28.82 -22.19 -19.52
C PRO D 143 28.90 -20.92 -18.72
N LEU D 144 27.78 -20.37 -18.25
CA LEU D 144 27.85 -19.09 -17.56
C LEU D 144 28.28 -19.25 -16.12
N THR D 145 28.20 -20.47 -15.59
CA THR D 145 28.80 -20.75 -14.29
C THR D 145 30.29 -21.02 -14.43
N ALA D 146 30.67 -21.91 -15.33
CA ALA D 146 32.04 -22.38 -15.42
C ALA D 146 32.97 -21.32 -16.01
N THR D 147 32.46 -20.51 -16.92
CA THR D 147 33.28 -19.43 -17.48
C THR D 147 33.86 -18.55 -16.37
N ILE D 148 33.07 -18.28 -15.33
CA ILE D 148 33.48 -17.30 -14.32
C ILE D 148 34.67 -17.79 -13.49
N LYS D 149 34.86 -19.09 -13.33
CA LYS D 149 35.78 -19.56 -12.29
C LYS D 149 37.22 -19.08 -12.47
N PRO D 150 37.80 -19.05 -13.68
CA PRO D 150 39.20 -18.58 -13.82
C PRO D 150 39.42 -17.14 -13.36
N PHE D 151 38.51 -16.25 -13.74
CA PHE D 151 38.24 -14.92 -13.17
C PHE D 151 38.31 -14.88 -11.64
N LEU D 152 37.57 -15.78 -10.99
CA LEU D 152 37.58 -15.81 -9.54
C LEU D 152 38.95 -16.20 -9.02
N ALA D 153 39.71 -16.96 -9.79
CA ALA D 153 40.99 -17.49 -9.35
C ALA D 153 42.17 -16.60 -9.75
N LYS D 154 41.97 -15.67 -10.69
CA LYS D 154 43.10 -14.90 -11.21
C LYS D 154 43.81 -14.15 -10.10
N LYS D 155 43.08 -13.71 -9.07
CA LYS D 155 43.68 -13.14 -7.87
C LYS D 155 43.95 -14.23 -6.83
N PRO D 159 41.42 -21.50 -2.40
CA PRO D 159 40.64 -22.46 -3.20
C PRO D 159 39.23 -22.60 -2.61
N GLU D 160 39.24 -22.75 -1.30
CA GLU D 160 38.05 -22.69 -0.46
C GLU D 160 37.31 -21.40 -0.73
N ASP D 161 37.99 -20.29 -0.52
CA ASP D 161 37.68 -18.99 -1.13
C ASP D 161 37.14 -19.14 -2.54
N ILE D 162 37.98 -19.61 -3.46
CA ILE D 162 37.52 -19.68 -4.84
C ILE D 162 36.33 -20.61 -4.93
N GLU D 163 36.33 -21.75 -4.23
CA GLU D 163 35.17 -22.63 -4.34
C GLU D 163 33.93 -21.95 -3.77
N GLY D 164 34.09 -21.26 -2.64
CA GLY D 164 32.95 -20.57 -2.04
C GLY D 164 32.38 -19.51 -2.95
N MET D 165 33.26 -18.66 -3.49
CA MET D 165 32.79 -17.72 -4.51
C MET D 165 32.17 -18.48 -5.68
N TYR D 166 32.84 -19.52 -6.14
CA TYR D 166 32.34 -20.12 -7.36
C TYR D 166 31.03 -20.88 -7.12
N ASN D 167 30.89 -21.56 -6.00
CA ASN D 167 29.61 -22.20 -5.76
C ASN D 167 28.50 -21.16 -5.56
N ALA D 168 28.82 -20.02 -4.94
CA ALA D 168 27.81 -18.97 -4.80
C ALA D 168 27.34 -18.49 -6.17
N TRP D 169 28.29 -18.22 -7.07
CA TRP D 169 27.93 -17.83 -8.43
C TRP D 169 27.02 -18.88 -9.06
N PHE D 170 27.43 -20.15 -8.95
CA PHE D 170 26.64 -21.28 -9.43
C PHE D 170 25.21 -21.23 -8.89
N LYS D 171 25.07 -21.14 -7.57
CA LYS D 171 23.74 -21.04 -6.97
C LYS D 171 22.94 -19.90 -7.57
N SER D 172 23.59 -18.73 -7.73
CA SER D 172 22.88 -17.59 -8.27
C SER D 172 22.43 -17.84 -9.69
N VAL D 173 23.32 -18.36 -10.53
CA VAL D 173 22.91 -18.58 -11.91
C VAL D 173 21.74 -19.53 -11.96
N VAL D 174 21.79 -20.60 -11.16
CA VAL D 174 20.68 -21.55 -11.13
C VAL D 174 19.42 -20.87 -10.67
N LEU D 175 19.53 -20.17 -9.54
CA LEU D 175 18.38 -19.51 -8.95
C LEU D 175 17.73 -18.57 -9.95
N GLN D 176 18.55 -17.79 -10.64
CA GLN D 176 18.06 -16.89 -11.67
C GLN D 176 17.30 -17.65 -12.74
N VAL D 177 17.91 -18.69 -13.30
CA VAL D 177 17.25 -19.41 -14.37
C VAL D 177 15.97 -20.04 -13.83
N ALA D 178 16.00 -20.53 -12.58
CA ALA D 178 14.77 -21.05 -11.99
C ALA D 178 13.68 -19.99 -11.99
N ILE D 179 14.04 -18.75 -11.64
CA ILE D 179 13.07 -17.67 -11.67
C ILE D 179 12.59 -17.43 -13.10
N TRP D 180 13.55 -17.32 -14.03
CA TRP D 180 13.23 -17.03 -15.41
C TRP D 180 12.23 -18.02 -15.97
N SER D 181 12.37 -19.30 -15.62
CA SER D 181 11.50 -20.33 -16.19
C SER D 181 10.00 -20.01 -16.01
N HIS D 182 9.64 -19.15 -15.04
CA HIS D 182 8.22 -18.96 -14.75
C HIS D 182 7.39 -18.51 -15.96
N PRO D 183 7.79 -17.48 -16.71
CA PRO D 183 7.05 -17.14 -17.94
C PRO D 183 7.14 -18.21 -19.00
N TYR D 184 8.17 -19.07 -18.97
CA TYR D 184 8.20 -20.14 -19.98
C TYR D 184 7.29 -21.31 -19.63
N THR D 185 7.01 -21.51 -18.35
CA THR D 185 6.30 -22.75 -17.88
C THR D 185 4.79 -22.68 -18.11
N LYS D 186 4.13 -23.84 -18.32
CA LYS D 186 2.64 -23.98 -18.35
C LYS D 186 2.07 -23.44 -17.04
N GLU D 187 0.83 -22.92 -17.04
CA GLU D 187 0.33 -22.09 -15.95
C GLU D 187 0.66 -22.64 -14.57
N ASN D 188 0.45 -23.94 -14.35
CA ASN D 188 0.57 -24.47 -12.99
C ASN D 188 1.80 -25.35 -12.77
N ASP D 189 2.76 -25.36 -13.69
CA ASP D 189 3.85 -26.32 -13.64
C ASP D 189 5.12 -25.75 -13.02
N TRP D 190 5.14 -24.46 -12.75
CA TRP D 190 6.38 -23.84 -12.27
C TRP D 190 6.65 -24.08 -10.79
CHA HEM E . -10.38 -9.98 -8.16
CHB HEM E . -14.75 -9.27 -6.18
CHC HEM E . -13.06 -5.04 -4.60
CHD HEM E . -9.90 -5.19 -8.25
C1A HEM E . -11.65 -10.16 -7.72
C2A HEM E . -12.37 -11.40 -7.76
C3A HEM E . -13.57 -11.21 -7.23
C4A HEM E . -13.66 -9.83 -6.81
CMA HEM E . -14.71 -12.22 -7.04
CAA HEM E . -11.81 -12.71 -8.33
CBA HEM E . -11.71 -13.75 -7.19
CGA HEM E . -10.94 -14.97 -7.65
O1A HEM E . -9.86 -14.77 -8.24
O2A HEM E . -11.36 -16.13 -7.39
C1B HEM E . -14.68 -8.09 -5.46
C2B HEM E . -15.60 -7.52 -4.46
C3B HEM E . -15.09 -6.36 -4.02
C4B HEM E . -13.85 -6.15 -4.73
CMB HEM E . -16.89 -8.18 -3.94
CAB HEM E . -15.62 -5.34 -2.97
CBB HEM E . -16.84 -5.40 -2.43
C1C HEM E . -12.08 -4.66 -5.49
C2C HEM E . -11.41 -3.38 -5.57
C3C HEM E . -10.55 -3.41 -6.59
C4C HEM E . -10.62 -4.72 -7.21
CMC HEM E . -11.71 -2.18 -4.64
CAC HEM E . -9.62 -2.26 -7.03
CBC HEM E . -9.23 -2.19 -8.30
C1D HEM E . -9.61 -6.53 -8.40
C2D HEM E . -8.39 -7.10 -8.92
C3D HEM E . -8.55 -8.44 -8.85
C4D HEM E . -9.85 -8.74 -8.31
CMD HEM E . -7.12 -6.34 -9.43
CAD HEM E . -7.55 -9.51 -9.26
CBD HEM E . -6.79 -9.75 -8.00
CGD HEM E . -5.72 -10.77 -8.31
O1D HEM E . -4.64 -10.33 -8.77
O2D HEM E . -5.96 -11.99 -8.06
NA HEM E . -12.46 -9.23 -7.15
NB HEM E . -13.66 -7.20 -5.60
NC HEM E . -11.59 -5.42 -6.51
ND HEM E . -10.49 -7.55 -8.07
FE HEM E . -11.97 -7.28 -6.78
N1 IMD F . -14.43 -5.60 -9.40
C2 IMD F . -14.03 -5.89 -8.15
N3 IMD F . -13.16 -6.91 -8.21
C4 IMD F . -13.00 -7.30 -9.50
C5 IMD F . -13.81 -6.44 -10.26
N1 IMD G . -1.81 -11.89 12.02
C2 IMD G . -3.05 -12.37 12.18
N3 IMD G . -3.00 -13.42 13.03
C4 IMD G . -1.74 -13.57 13.45
C5 IMD G . -0.98 -12.62 12.79
HN1 IMD G . -1.56 -11.13 11.46
H2 IMD G . -3.84 -12.01 11.73
HN3 IMD G . -3.77 -13.95 13.34
H4 IMD G . -1.39 -14.25 14.08
H5 IMD G . -0.01 -12.48 12.89
N1 IMD H . -8.70 -13.11 14.98
C2 IMD H . -8.00 -13.15 13.82
N3 IMD H . -7.93 -14.43 13.41
C4 IMD H . -8.59 -15.19 14.30
C5 IMD H . -9.07 -14.35 15.29
HN1 IMD H . -8.90 -12.30 15.49
H2 IMD H . -7.63 -12.38 13.36
HN3 IMD H . -7.50 -14.75 12.59
H4 IMD H . -8.71 -16.16 14.25
H5 IMD H . -9.58 -14.62 16.09
N1 IMD I . 0.30 -17.79 -13.51
C2 IMD I . -0.88 -17.72 -14.20
N3 IMD I . -0.65 -18.03 -15.48
C4 IMD I . 0.67 -18.29 -15.61
C5 IMD I . 1.27 -18.15 -14.39
HN1 IMD I . 0.42 -17.62 -12.54
H2 IMD I . -1.75 -17.49 -13.82
HN3 IMD I . -1.32 -18.07 -16.19
H4 IMD I . 1.12 -18.56 -16.42
H5 IMD I . 2.22 -18.29 -14.20
N1 IMD J . -1.34 -19.15 -10.98
C2 IMD J . -0.37 -19.91 -11.54
N3 IMD J . 0.65 -20.01 -10.66
C4 IMD J . 0.33 -19.33 -9.54
C5 IMD J . -0.93 -18.79 -9.74
HN1 IMD J . -2.19 -18.91 -11.39
H2 IMD J . -0.40 -20.31 -12.43
HN3 IMD J . 1.49 -20.51 -10.82
H4 IMD J . 0.87 -19.22 -8.74
H5 IMD J . -1.43 -18.23 -9.10
FE FE K . -5.68 -13.34 12.88
CHA HEM L . -19.29 4.46 19.42
CHB HEM L . -19.87 -0.25 19.72
CHC HEM L . -19.71 -0.24 14.92
CHD HEM L . -21.39 4.22 15.17
C1A HEM L . -19.27 3.18 19.85
C2A HEM L . -18.83 2.84 21.15
C3A HEM L . -19.02 1.52 21.28
C4A HEM L . -19.56 1.05 20.03
CMA HEM L . -18.71 0.58 22.47
CAA HEM L . -18.25 3.91 22.07
CBA HEM L . -16.76 3.56 22.08
CGA HEM L . -15.86 4.53 22.83
O1A HEM L . -15.81 5.75 22.48
O2A HEM L . -15.13 4.08 23.74
C1B HEM L . -19.79 -0.73 18.45
C2B HEM L . -19.64 -2.11 17.99
C3B HEM L . -19.57 -2.05 16.67
C4B HEM L . -19.70 -0.67 16.24
CMB HEM L . -19.51 -3.37 18.88
CAB HEM L . -19.43 -3.16 15.62
CBB HEM L . -19.66 -4.44 15.90
C1C HEM L . -20.22 0.96 14.52
C2C HEM L . -20.57 1.35 13.16
C3C HEM L . -21.07 2.60 13.28
C4C HEM L . -20.98 3.02 14.67
CMC HEM L . -20.43 0.47 11.86
CAC HEM L . -21.56 3.56 12.19
CBC HEM L . -21.04 3.52 10.96
C1D HEM L . -20.95 4.71 16.37
C2D HEM L . -21.08 6.08 16.84
C3D HEM L . -20.49 6.12 18.04
C4D HEM L . -19.98 4.81 18.33
CMD HEM L . -21.77 7.19 16.04
CAD HEM L . -20.29 7.28 19.00
CBD HEM L . -19.20 8.06 18.26
CGD HEM L . -18.87 9.28 19.08
O1D HEM L . -18.26 9.13 20.19
O2D HEM L . -19.22 10.39 18.64
NA HEM L . -19.74 2.09 19.20
NB HEM L . -19.84 0.10 17.37
NC HEM L . -20.45 2.02 15.39
ND HEM L . -20.29 3.97 17.30
FE HEM L . -20.04 1.99 17.41
N1 IMD M . -23.97 0.83 17.64
C2 IMD M . -22.81 0.99 16.98
N3 IMD M . -22.03 1.85 17.65
C4 IMD M . -22.70 2.29 18.75
C5 IMD M . -23.93 1.62 18.75
N1 IMD N . -3.11 7.76 3.95
C2 IMD N . -2.97 7.14 5.18
N3 IMD N . -2.51 5.89 4.97
C4 IMD N . -2.39 5.70 3.64
C5 IMD N . -2.74 6.89 2.99
HN1 IMD N . -3.41 8.68 3.80
H2 IMD N . -3.15 7.55 6.05
HN3 IMD N . -2.34 5.22 5.66
H4 IMD N . -2.09 4.88 3.21
H5 IMD N . -2.74 7.04 2.02
FE FE O . -1.53 5.83 7.18
N1 IMD P . -0.13 4.44 9.29
C2 IMD P . 0.44 3.62 10.18
N3 IMD P . 1.72 4.00 10.39
C4 IMD P . 1.96 5.08 9.62
C5 IMD P . 0.80 5.35 8.91
HN1 IMD P . -1.06 4.38 8.97
H2 IMD P . 0.00 2.86 10.62
HN3 IMD P . 2.36 3.57 10.99
H4 IMD P . 2.81 5.56 9.56
H5 IMD P . 0.69 6.09 8.27
N1 IMD Q . 1.70 7.35 4.85
C2 IMD Q . 0.52 6.74 4.58
N3 IMD Q . 0.55 5.48 5.04
C4 IMD Q . 1.77 5.27 5.59
C5 IMD Q . 2.49 6.44 5.48
HN1 IMD Q . 1.94 8.27 4.63
H2 IMD Q . -0.24 7.18 4.14
HN3 IMD Q . -0.18 4.83 4.96
H4 IMD Q . 2.09 4.43 6.00
H5 IMD Q . 3.40 6.60 5.78
CHA HEM R . 10.74 15.55 9.62
CHB HEM R . 9.86 19.39 12.53
CHC HEM R . 12.85 21.98 9.68
CHD HEM R . 14.95 17.74 8.59
C1A HEM R . 10.14 16.42 10.49
C2A HEM R . 8.83 16.24 11.04
C3A HEM R . 8.54 17.27 11.87
C4A HEM R . 9.70 18.18 11.85
CMA HEM R . 7.21 17.48 12.69
CAA HEM R . 7.96 15.05 10.65
CBA HEM R . 6.99 15.61 9.64
CGA HEM R . 6.06 14.58 9.08
O1A HEM R . 6.35 13.95 8.02
O2A HEM R . 4.97 14.36 9.69
C1B HEM R . 10.54 20.49 12.02
C2B HEM R . 10.43 21.88 12.39
C3B HEM R . 11.25 22.59 11.62
C4B HEM R . 11.91 21.69 10.69
CMB HEM R . 9.53 22.41 13.53
CAB HEM R . 11.51 24.11 11.65
CBB HEM R . 11.11 24.88 12.66
C1C HEM R . 13.79 21.08 9.16
C2C HEM R . 15.10 21.34 8.53
C3C HEM R . 15.62 20.13 8.27
C4C HEM R . 14.71 19.10 8.68
CMC HEM R . 15.80 22.73 8.18
CAC HEM R . 16.93 19.79 7.56
CBC HEM R . 17.14 20.30 6.34
C1D HEM R . 13.98 16.78 8.70
C2D HEM R . 14.05 15.44 8.18
C3D HEM R . 12.89 14.83 8.44
C4D HEM R . 12.03 15.78 9.13
CMD HEM R . 15.29 14.87 7.43
CAD HEM R . 12.47 13.40 8.08
CBD HEM R . 12.40 13.32 6.54
CGD HEM R . 11.82 11.98 6.21
O1D HEM R . 10.64 11.72 6.58
O2D HEM R . 12.53 11.15 5.60
NA HEM R . 10.64 17.62 10.99
NB HEM R . 11.43 20.44 10.98
NC HEM R . 13.61 19.71 9.20
ND HEM R . 12.75 16.93 9.28
FE HEM R . 12.10 18.69 10.08
N1 IMD S . 14.52 18.53 13.35
C2 IMD S . 14.12 19.04 12.16
N3 IMD S . 13.32 18.15 11.56
C4 IMD S . 13.21 17.04 12.35
C5 IMD S . 13.98 17.30 13.49
N1 IMD T . 5.46 27.47 -11.27
C2 IMD T . 4.14 27.72 -11.23
N3 IMD T . 3.60 27.40 -12.43
C4 IMD T . 4.59 26.96 -13.23
C5 IMD T . 5.76 26.99 -12.50
HN1 IMD T . 6.10 27.61 -10.55
H2 IMD T . 3.65 28.08 -10.46
HN3 IMD T . 2.65 27.48 -12.67
H4 IMD T . 4.49 26.65 -14.16
H5 IMD T . 6.64 26.72 -12.83
N1 IMD U . 3.31 25.41 -9.03
C2 IMD U . 2.44 25.39 -10.07
N3 IMD U . 1.20 25.69 -9.61
C4 IMD U . 1.28 25.90 -8.27
C5 IMD U . 2.61 25.70 -7.91
HN1 IMD U . 4.27 25.25 -9.06
H2 IMD U . 2.67 25.21 -11.01
HN3 IMD U . 0.38 25.76 -10.15
H4 IMD U . 0.55 26.12 -7.66
H5 IMD U . 2.98 25.80 -7.01
N1 IMD V . 9.02 24.41 -11.00
C2 IMD V . 8.66 24.71 -9.74
N3 IMD V . 8.34 26.02 -9.70
C4 IMD V . 8.50 26.55 -10.93
C5 IMD V . 8.92 25.52 -11.74
HN1 IMD V . 9.30 23.53 -11.33
H2 IMD V . 8.64 24.08 -8.99
HN3 IMD V . 8.04 26.50 -8.90
H4 IMD V . 8.34 27.47 -11.20
H5 IMD V . 9.11 25.59 -12.69
FE FE W . 5.66 25.51 -9.29
CHA HEM X . 20.13 -10.48 -22.12
CHB HEM X . 20.73 -14.27 -25.10
CHC HEM X . 21.23 -17.26 -21.32
CHD HEM X . 22.14 -13.26 -18.80
C1A HEM X . 20.13 -11.31 -23.23
C2A HEM X . 19.66 -10.93 -24.53
C3A HEM X . 19.81 -11.94 -25.40
C4A HEM X . 20.41 -13.02 -24.63
CMA HEM X . 19.40 -11.95 -26.89
CAA HEM X . 19.05 -9.55 -24.82
CBA HEM X . 17.60 -9.94 -24.60
CGA HEM X . 16.72 -8.73 -24.73
O1A HEM X . 16.62 -7.96 -23.74
O2A HEM X . 16.08 -8.58 -25.82
C1B HEM X . 20.85 -15.40 -24.37
C2B HEM X . 20.81 -16.73 -24.87
C3B HEM X . 20.94 -17.56 -23.79
C4B HEM X . 21.07 -16.77 -22.60
CMB HEM X . 20.63 -17.08 -26.37
CAB HEM X . 20.95 -19.08 -23.73
CBB HEM X . 21.11 -19.83 -24.83
C1C HEM X . 21.52 -16.44 -20.24
C2C HEM X . 21.87 -16.80 -18.87
C3C HEM X . 22.15 -15.66 -18.23
C4C HEM X . 21.94 -14.57 -19.13
CMC HEM X . 21.96 -18.22 -18.27
CAC HEM X . 22.50 -15.39 -16.74
CBC HEM X . 22.05 -16.17 -15.76
C1D HEM X . 21.69 -12.18 -19.46
C2D HEM X . 21.71 -10.82 -18.94
C3D HEM X . 21.14 -10.04 -19.86
C4D HEM X . 20.76 -10.88 -20.97
CMD HEM X . 22.31 -10.46 -17.57
CAD HEM X . 20.89 -8.53 -19.87
CBD HEM X . 19.81 -8.39 -18.80
CGD HEM X . 19.38 -6.99 -18.71
O1D HEM X . 18.57 -6.58 -19.60
O2D HEM X . 19.83 -6.32 -17.74
NA HEM X . 20.59 -12.58 -23.32
NB HEM X . 20.99 -15.44 -22.98
NC HEM X . 21.55 -15.07 -20.34
ND HEM X . 21.10 -12.18 -20.69
FE HEM X . 21.06 -13.88 -21.92
N1 IMD Y . 25.02 -14.29 -22.72
C2 IMD Y . 23.87 -14.66 -22.12
N3 IMD Y . 23.02 -13.62 -22.14
C4 IMD Y . 23.63 -12.56 -22.74
C5 IMD Y . 24.90 -13.01 -23.11
N1 IMD Z . 3.87 -18.37 -9.66
C2 IMD Z . 3.79 -18.37 -8.31
N3 IMD Z . 3.58 -19.60 -7.89
C4 IMD Z . 3.47 -20.40 -8.95
C5 IMD Z . 3.67 -19.62 -10.06
HN1 IMD Z . 4.03 -17.58 -10.23
H2 IMD Z . 3.89 -17.58 -7.73
HN3 IMD Z . 3.46 -19.87 -6.96
H4 IMD Z . 3.31 -21.36 -8.94
H5 IMD Z . 3.67 -19.94 -10.99
FE FE AA . 2.77 -18.40 -11.93
#